data_2BII
#
_entry.id   2BII
#
_cell.length_a   122.722
_cell.length_b   123.080
_cell.length_c   149.509
_cell.angle_alpha   90.00
_cell.angle_beta   90.00
_cell.angle_gamma   90.00
#
_symmetry.space_group_name_H-M   'C 2 2 21'
#
loop_
_entity.id
_entity.type
_entity.pdbx_description
1 polymer 'NITRATE REDUCTASE [NADPH]'
2 non-polymer 'SULFATE ION'
3 non-polymer 'SODIUM ION'
4 non-polymer GLYCEROL
5 non-polymer (MOLYBDOPTERIN-S,S)-DIOXO-THIO-MOLYBDENUM(IV)
6 water water
#
_entity_poly.entity_id   1
_entity_poly.type   'polypeptide(L)'
_entity_poly.pdbx_seq_one_letter_code
;GSHPFNSEPPLTKLYDSGFLTPVSLHFVRNHGPVPYVPDENILDWEVSIEGMVETPYKIKLSDIMEQFDIYSTPVTMVCA
GNRRKEQNMVKKGAGFNWGAAGTSTSLWTGCMLGDVIGKARPSKRARFVWMEGADNPANGAYGTCIRLSWCMDPERCIMI
AYQQNGEWLHPDHGKPLRVVIPGVIGGRSVKWLKKLVVSDRPSENWYHYFDNRVLPTMVTPEMAKSDDRWWKDERYAIYD
LNLQTIICKPENQQVIKISEDEYEIAGFGYNGGGVRIGRIEVSLDKGKSWKLADIDYPEDRYREAGYFRLFGGLVNVCDR
MSCLCWCFWKLKVPLSELARSKDILIRGMDERMMVQPRTMYWNVTSMLNNWWYRVAIIREGESLRFEHPVVANKPGGWMD
RVKAEGGDILDNNWGEVDDTGQAG
;
_entity_poly.pdbx_strand_id   A,B
#
loop_
_chem_comp.id
_chem_comp.type
_chem_comp.name
_chem_comp.formula
GOL non-polymer GLYCEROL 'C3 H8 O3'
MTV non-polymer (MOLYBDOPTERIN-S,S)-DIOXO-THIO-MOLYBDENUM(IV) 'C10 H9 Mo N5 O8 P S2 -1'
NA non-polymer 'SODIUM ION' 'Na 1'
SO4 non-polymer 'SULFATE ION' 'O4 S -2'
#
# COMPACT_ATOMS: atom_id res chain seq x y z
N PRO A 4 4.29 33.57 10.63
CA PRO A 4 3.41 32.76 9.76
C PRO A 4 4.02 31.44 9.35
N PHE A 5 3.20 30.51 8.81
CA PHE A 5 3.73 29.24 8.33
C PHE A 5 3.09 28.97 6.97
N ASN A 6 3.88 28.52 5.99
CA ASN A 6 3.36 28.22 4.67
C ASN A 6 3.97 26.90 4.18
N SER A 7 3.17 26.03 3.55
CA SER A 7 3.76 24.86 2.86
C SER A 7 3.03 24.63 1.55
N GLU A 8 3.80 24.23 0.55
CA GLU A 8 3.34 24.13 -0.81
C GLU A 8 3.69 22.72 -1.31
N PRO A 9 2.70 21.99 -1.88
CA PRO A 9 3.05 20.67 -2.42
C PRO A 9 3.92 20.80 -3.65
N PRO A 10 4.70 19.76 -3.98
CA PRO A 10 5.44 19.79 -5.26
C PRO A 10 4.47 19.86 -6.45
N LEU A 11 4.82 20.66 -7.48
CA LEU A 11 3.89 20.88 -8.60
C LEU A 11 3.54 19.56 -9.30
N THR A 12 4.57 18.74 -9.55
CA THR A 12 4.32 17.44 -10.22
C THR A 12 3.37 16.53 -9.41
N LYS A 13 3.60 16.44 -8.11
CA LYS A 13 2.73 15.69 -7.20
C LYS A 13 1.29 16.23 -7.16
N LEU A 14 1.15 17.55 -7.10
CA LEU A 14 -0.18 18.17 -7.18
C LEU A 14 -0.92 17.80 -8.46
N TYR A 15 -0.27 17.95 -9.61
CA TYR A 15 -0.90 17.58 -10.89
C TYR A 15 -1.24 16.07 -10.93
N ASP A 16 -0.23 15.27 -10.57
CA ASP A 16 -0.34 13.81 -10.67
C ASP A 16 -1.45 13.22 -9.79
N SER A 17 -1.74 13.88 -8.66
CA SER A 17 -2.80 13.47 -7.73
C SER A 17 -4.21 13.59 -8.33
N GLY A 18 -4.36 14.44 -9.35
CA GLY A 18 -5.61 14.59 -10.08
C GLY A 18 -6.58 15.58 -9.48
N PHE A 19 -7.86 15.44 -9.81
CA PHE A 19 -8.84 16.47 -9.52
C PHE A 19 -8.97 16.79 -8.03
N LEU A 20 -8.95 15.76 -7.18
CA LEU A 20 -9.03 15.95 -5.72
C LEU A 20 -7.67 15.73 -5.08
N THR A 21 -7.15 16.80 -4.48
CA THR A 21 -5.87 16.73 -3.80
C THR A 21 -5.98 16.03 -2.43
N PRO A 22 -5.10 15.05 -2.14
CA PRO A 22 -5.08 14.41 -0.81
C PRO A 22 -4.91 15.46 0.28
N VAL A 23 -5.60 15.28 1.39
CA VAL A 23 -5.48 16.24 2.52
C VAL A 23 -4.01 16.45 2.90
N SER A 24 -3.22 15.37 2.91
CA SER A 24 -1.79 15.46 3.27
C SER A 24 -0.98 16.39 2.36
N LEU A 25 -1.47 16.61 1.12
CA LEU A 25 -0.75 17.45 0.15
C LEU A 25 -1.35 18.86 0.06
N HIS A 26 -2.49 19.08 0.70
CA HIS A 26 -3.18 20.40 0.55
C HIS A 26 -2.23 21.51 1.04
N PHE A 27 -2.07 22.57 0.27
CA PHE A 27 -1.16 23.69 0.74
C PHE A 27 -1.65 24.24 2.08
N VAL A 28 -0.75 24.86 2.88
CA VAL A 28 -1.14 25.41 4.18
C VAL A 28 -0.67 26.87 4.21
N ARG A 29 -1.52 27.74 4.75
CA ARG A 29 -1.15 29.13 4.96
C ARG A 29 -1.77 29.58 6.29
N ASN A 30 -0.91 29.83 7.29
CA ASN A 30 -1.35 30.33 8.60
C ASN A 30 -0.63 31.65 8.86
N HIS A 31 -1.34 32.65 9.35
CA HIS A 31 -0.71 33.94 9.64
C HIS A 31 0.05 33.91 10.97
N GLY A 32 -0.32 32.97 11.82
CA GLY A 32 0.26 32.88 13.17
C GLY A 32 0.15 31.47 13.70
N PRO A 33 0.22 31.32 15.03
CA PRO A 33 -0.03 30.00 15.62
C PRO A 33 -1.41 29.45 15.35
N VAL A 34 -1.45 28.13 15.12
CA VAL A 34 -2.68 27.38 14.96
C VAL A 34 -3.33 27.09 16.32
N PRO A 35 -4.60 27.47 16.52
CA PRO A 35 -5.31 27.09 17.74
C PRO A 35 -5.54 25.57 17.71
N TYR A 36 -5.07 24.88 18.73
CA TYR A 36 -5.19 23.43 18.75
C TYR A 36 -6.43 23.04 19.56
N VAL A 37 -7.32 22.27 18.93
CA VAL A 37 -8.59 21.90 19.53
C VAL A 37 -8.60 20.36 19.60
N PRO A 38 -8.70 19.80 20.82
CA PRO A 38 -8.71 18.32 20.92
C PRO A 38 -9.99 17.68 20.36
N ASP A 39 -9.90 16.48 19.81
CA ASP A 39 -11.07 15.77 19.30
C ASP A 39 -12.28 15.83 20.23
N GLU A 40 -12.03 15.64 21.52
CA GLU A 40 -13.12 15.60 22.48
C GLU A 40 -13.88 16.93 22.62
N ASN A 41 -13.29 18.03 22.10
CA ASN A 41 -13.92 19.36 22.20
C ASN A 41 -14.61 19.87 20.92
N ILE A 42 -14.48 19.11 19.83
CA ILE A 42 -15.04 19.49 18.52
C ILE A 42 -16.52 19.91 18.51
N LEU A 43 -17.40 19.03 19.01
CA LEU A 43 -18.83 19.20 18.88
C LEU A 43 -19.41 20.36 19.66
N ASP A 44 -18.69 20.80 20.69
CA ASP A 44 -19.13 21.93 21.52
C ASP A 44 -18.66 23.30 21.00
N TRP A 45 -17.86 23.28 19.92
CA TRP A 45 -17.32 24.52 19.33
C TRP A 45 -18.45 25.44 18.97
N GLU A 46 -18.38 26.68 19.43
CA GLU A 46 -19.48 27.63 19.26
C GLU A 46 -19.14 28.82 18.33
N VAL A 47 -20.09 29.16 17.45
CA VAL A 47 -20.03 30.35 16.56
C VAL A 47 -21.16 31.30 16.95
N SER A 48 -20.84 32.59 17.08
CA SER A 48 -21.83 33.62 17.37
C SER A 48 -22.21 34.36 16.07
N ILE A 49 -23.51 34.49 15.80
CA ILE A 49 -24.02 35.27 14.66
C ILE A 49 -24.63 36.56 15.23
N GLU A 50 -24.06 37.70 14.86
CA GLU A 50 -24.50 38.99 15.41
C GLU A 50 -24.48 40.13 14.38
N GLY A 51 -24.62 41.37 14.87
CA GLY A 51 -24.61 42.55 14.00
C GLY A 51 -25.99 42.99 13.56
N MET A 52 -26.11 43.37 12.27
CA MET A 52 -27.35 43.87 11.70
C MET A 52 -28.35 42.78 11.36
N VAL A 53 -28.82 42.10 12.40
CA VAL A 53 -29.76 41.00 12.24
C VAL A 53 -30.91 41.19 13.23
N GLU A 54 -32.09 40.68 12.90
CA GLU A 54 -33.25 40.69 13.80
C GLU A 54 -33.01 39.78 15.03
N THR A 55 -32.40 38.62 14.81
CA THR A 55 -32.27 37.62 15.86
C THR A 55 -30.85 37.06 15.97
N PRO A 56 -29.95 37.75 16.69
CA PRO A 56 -28.62 37.20 16.93
C PRO A 56 -28.73 35.89 17.68
N TYR A 57 -27.87 34.94 17.33
CA TYR A 57 -27.85 33.67 18.01
C TYR A 57 -26.45 33.05 18.03
N LYS A 58 -26.26 32.05 18.88
CA LYS A 58 -25.01 31.29 18.92
C LYS A 58 -25.35 29.83 18.66
N ILE A 59 -24.42 29.10 18.03
CA ILE A 59 -24.69 27.71 17.68
C ILE A 59 -23.43 26.87 17.80
N LYS A 60 -23.59 25.68 18.37
CA LYS A 60 -22.52 24.70 18.48
C LYS A 60 -22.47 23.86 17.22
N LEU A 61 -21.28 23.36 16.90
CA LEU A 61 -21.09 22.47 15.74
C LEU A 61 -22.09 21.31 15.72
N SER A 62 -22.31 20.65 16.87
CA SER A 62 -23.26 19.51 16.89
C SER A 62 -24.66 19.93 16.44
N ASP A 63 -25.07 21.12 16.85
CA ASP A 63 -26.33 21.72 16.43
C ASP A 63 -26.37 22.09 14.95
N ILE A 64 -25.27 22.61 14.40
CA ILE A 64 -25.20 22.82 12.94
C ILE A 64 -25.46 21.52 12.21
N MET A 65 -24.78 20.45 12.63
CA MET A 65 -24.88 19.14 11.97
C MET A 65 -26.28 18.56 11.99
N GLU A 66 -27.04 18.90 13.02
CA GLU A 66 -28.38 18.34 13.16
C GLU A 66 -29.49 19.24 12.62
N GLN A 67 -29.25 20.56 12.64
CA GLN A 67 -30.28 21.52 12.33
C GLN A 67 -30.28 22.10 10.90
N PHE A 68 -29.15 22.02 10.20
CA PHE A 68 -29.04 22.57 8.84
C PHE A 68 -28.84 21.50 7.78
N ASP A 69 -29.27 21.80 6.55
CA ASP A 69 -28.99 20.90 5.41
C ASP A 69 -27.51 20.79 5.17
N ILE A 70 -27.04 19.56 4.99
CA ILE A 70 -25.58 19.31 4.87
C ILE A 70 -25.27 18.98 3.43
N TYR A 71 -24.21 19.60 2.92
CA TYR A 71 -23.75 19.47 1.54
C TYR A 71 -22.30 19.01 1.48
N SER A 72 -21.96 18.34 0.37
CA SER A 72 -20.57 17.98 0.07
C SER A 72 -20.29 18.54 -1.33
N THR A 73 -19.23 19.35 -1.43
CA THR A 73 -18.98 20.20 -2.61
C THR A 73 -17.49 20.18 -2.96
N PRO A 74 -17.13 19.89 -4.24
CA PRO A 74 -15.74 20.08 -4.66
C PRO A 74 -15.47 21.58 -4.86
N VAL A 75 -14.38 22.05 -4.28
CA VAL A 75 -13.96 23.46 -4.40
C VAL A 75 -12.45 23.55 -4.52
N THR A 76 -11.98 24.36 -5.46
CA THR A 76 -10.54 24.63 -5.58
C THR A 76 -10.21 25.81 -4.68
N MET A 77 -9.22 25.62 -3.80
CA MET A 77 -8.74 26.73 -2.95
C MET A 77 -7.44 27.25 -3.54
N VAL A 78 -7.25 28.56 -3.47
CA VAL A 78 -6.05 29.15 -4.07
C VAL A 78 -5.53 30.24 -3.18
N CYS A 79 -4.23 30.22 -2.88
CA CYS A 79 -3.69 31.34 -2.09
C CYS A 79 -3.47 32.58 -3.00
N ALA A 80 -3.82 33.78 -2.50
CA ALA A 80 -3.51 35.03 -3.21
C ALA A 80 -2.02 35.12 -3.60
N GLY A 81 -1.14 34.52 -2.78
CA GLY A 81 0.30 34.56 -3.07
C GLY A 81 0.80 33.57 -4.12
N ASN A 82 -0.07 32.72 -4.68
CA ASN A 82 0.42 31.78 -5.71
C ASN A 82 1.17 32.52 -6.86
N ARG A 83 2.31 31.95 -7.30
CA ARG A 83 3.16 32.51 -8.35
C ARG A 83 3.91 33.79 -7.88
N ARG A 84 4.01 33.94 -6.57
CA ARG A 84 4.78 35.10 -6.03
C ARG A 84 6.28 35.05 -6.37
N LYS A 85 6.90 33.85 -6.34
CA LYS A 85 8.35 33.77 -6.59
C LYS A 85 8.74 34.38 -7.96
N GLU A 86 7.90 34.18 -8.97
CA GLU A 86 8.09 34.81 -10.26
C GLU A 86 8.29 36.33 -10.15
N GLN A 87 7.45 36.98 -9.32
CA GLN A 87 7.58 38.44 -9.12
C GLN A 87 8.84 38.76 -8.34
N ASN A 88 9.12 37.94 -7.32
CA ASN A 88 10.34 38.14 -6.52
C ASN A 88 11.64 38.10 -7.34
N MET A 89 11.66 37.31 -8.41
CA MET A 89 12.81 37.23 -9.31
C MET A 89 13.04 38.57 -10.03
N VAL A 90 11.94 39.30 -10.25
CA VAL A 90 11.99 40.58 -10.93
C VAL A 90 12.44 41.68 -9.96
N LYS A 91 11.80 41.73 -8.79
CA LYS A 91 12.12 42.72 -7.75
C LYS A 91 11.75 42.09 -6.43
N LYS A 92 12.73 41.96 -5.53
CA LYS A 92 12.49 41.29 -4.25
C LYS A 92 11.46 42.02 -3.45
N GLY A 93 10.64 41.23 -2.79
CA GLY A 93 9.61 41.77 -1.94
C GLY A 93 9.41 40.88 -0.75
N ALA A 94 8.48 41.31 0.10
CA ALA A 94 8.11 40.57 1.30
C ALA A 94 7.22 39.37 0.90
N GLY A 95 7.24 38.34 1.72
CA GLY A 95 6.22 37.29 1.57
C GLY A 95 6.84 35.99 1.12
N PHE A 96 6.18 34.92 1.50
CA PHE A 96 6.62 33.57 1.14
C PHE A 96 6.65 33.39 -0.39
N ASN A 97 7.76 32.83 -0.88
CA ASN A 97 7.96 32.67 -2.31
C ASN A 97 7.27 31.44 -2.88
N TRP A 98 5.94 31.52 -3.03
CA TRP A 98 5.16 30.44 -3.65
C TRP A 98 5.64 30.16 -5.04
N GLY A 99 5.69 28.89 -5.44
CA GLY A 99 5.83 28.57 -6.85
C GLY A 99 4.44 28.66 -7.47
N ALA A 100 4.05 27.60 -8.20
CA ALA A 100 2.74 27.60 -8.87
C ALA A 100 1.73 26.66 -8.23
N ALA A 101 2.15 26.02 -7.12
CA ALA A 101 1.30 25.01 -6.47
C ALA A 101 0.64 25.46 -5.17
N GLY A 102 0.48 26.79 -4.99
CA GLY A 102 -0.31 27.30 -3.88
C GLY A 102 -1.83 27.19 -4.17
N THR A 103 -2.28 25.98 -4.48
CA THR A 103 -3.68 25.70 -4.75
C THR A 103 -3.89 24.23 -4.43
N SER A 104 -5.09 23.89 -3.97
CA SER A 104 -5.45 22.48 -3.74
C SER A 104 -6.96 22.37 -3.85
N THR A 105 -7.46 21.19 -4.24
CA THR A 105 -8.87 21.02 -4.50
C THR A 105 -9.41 19.86 -3.63
N SER A 106 -10.54 20.08 -2.97
CA SER A 106 -11.09 19.10 -2.01
C SER A 106 -12.59 19.05 -2.10
N LEU A 107 -13.14 17.94 -1.62
CA LEU A 107 -14.54 17.89 -1.23
C LEU A 107 -14.70 18.46 0.16
N TRP A 108 -15.51 19.51 0.28
CA TRP A 108 -15.77 20.10 1.59
C TRP A 108 -17.21 19.79 2.01
N THR A 109 -17.38 19.37 3.27
CA THR A 109 -18.69 18.98 3.80
C THR A 109 -19.09 19.91 4.94
N GLY A 110 -20.32 20.40 4.88
CA GLY A 110 -20.83 21.33 5.90
C GLY A 110 -22.14 21.96 5.45
N CYS A 111 -22.48 23.09 6.09
CA CYS A 111 -23.73 23.77 5.81
C CYS A 111 -23.47 25.00 4.92
N MET A 112 -24.54 25.60 4.43
CA MET A 112 -24.46 26.82 3.61
C MET A 112 -24.36 28.01 4.57
N LEU A 113 -23.37 28.88 4.35
CA LEU A 113 -23.25 30.10 5.19
C LEU A 113 -24.52 30.94 5.08
N GLY A 114 -25.12 31.00 3.89
CA GLY A 114 -26.35 31.77 3.69
C GLY A 114 -27.51 31.27 4.54
N ASP A 115 -27.59 29.95 4.72
CA ASP A 115 -28.62 29.39 5.62
C ASP A 115 -28.43 29.84 7.06
N VAL A 116 -27.16 29.86 7.51
CA VAL A 116 -26.82 30.24 8.88
C VAL A 116 -27.12 31.71 9.14
N ILE A 117 -26.75 32.54 8.18
CA ILE A 117 -27.01 33.99 8.29
C ILE A 117 -28.51 34.28 8.11
N GLY A 118 -29.15 33.61 7.15
CA GLY A 118 -30.58 33.77 6.86
C GLY A 118 -31.44 33.58 8.09
N LYS A 119 -31.04 32.64 8.94
CA LYS A 119 -31.78 32.35 10.16
C LYS A 119 -31.84 33.55 11.13
N ALA A 120 -30.81 34.38 11.15
CA ALA A 120 -30.75 35.56 12.01
C ALA A 120 -31.55 36.75 11.45
N ARG A 121 -31.98 36.63 10.20
CA ARG A 121 -32.73 37.67 9.45
C ARG A 121 -31.99 39.01 9.30
N PRO A 122 -31.05 39.10 8.34
CA PRO A 122 -30.26 40.32 8.17
C PRO A 122 -31.12 41.51 7.76
N SER A 123 -30.73 42.68 8.25
CA SER A 123 -31.30 43.95 7.86
C SER A 123 -31.21 44.14 6.35
N LYS A 124 -32.23 44.80 5.78
CA LYS A 124 -32.19 45.24 4.37
C LYS A 124 -31.00 46.16 4.02
N ARG A 125 -30.49 46.89 4.99
CA ARG A 125 -29.32 47.72 4.78
C ARG A 125 -27.97 46.97 4.86
N ALA A 126 -28.00 45.69 5.23
CA ALA A 126 -26.76 44.94 5.39
C ALA A 126 -26.13 44.69 4.03
N ARG A 127 -24.81 44.67 3.98
CA ARG A 127 -24.10 44.43 2.70
C ARG A 127 -22.97 43.41 2.83
N PHE A 128 -22.50 43.20 4.06
CA PHE A 128 -21.31 42.35 4.29
C PHE A 128 -21.50 41.40 5.45
N VAL A 129 -20.75 40.30 5.39
CA VAL A 129 -20.64 39.40 6.51
C VAL A 129 -19.19 39.39 6.95
N TRP A 130 -18.90 39.89 8.16
CA TRP A 130 -17.56 39.78 8.69
C TRP A 130 -17.37 38.38 9.30
N MET A 131 -16.15 37.87 9.15
CA MET A 131 -15.75 36.57 9.68
C MET A 131 -14.50 36.75 10.54
N GLU A 132 -14.53 36.16 11.74
CA GLU A 132 -13.39 36.25 12.63
C GLU A 132 -12.98 34.88 13.19
N GLY A 133 -11.68 34.63 13.17
CA GLY A 133 -11.09 33.36 13.60
C GLY A 133 -10.66 33.37 15.06
N ALA A 134 -10.47 32.18 15.60
CA ALA A 134 -9.99 31.99 16.99
C ALA A 134 -8.49 32.11 17.17
N ASP A 135 -7.75 32.33 16.06
CA ASP A 135 -6.28 32.40 16.13
C ASP A 135 -5.85 33.77 16.65
N ASN A 136 -4.57 33.90 16.99
CA ASN A 136 -4.08 35.17 17.52
C ASN A 136 -2.70 35.48 16.95
N PRO A 137 -2.63 35.79 15.63
CA PRO A 137 -1.35 36.16 15.05
C PRO A 137 -0.91 37.55 15.54
N ALA A 138 0.17 38.07 14.96
CA ALA A 138 0.90 39.22 15.55
C ALA A 138 0.01 40.43 15.79
N ASN A 139 -0.98 40.62 14.92
CA ASN A 139 -1.86 41.78 15.01
C ASN A 139 -3.27 41.48 15.53
N GLY A 140 -3.39 40.41 16.30
CA GLY A 140 -4.66 40.03 16.92
C GLY A 140 -5.38 39.04 16.02
N ALA A 141 -6.63 38.75 16.36
CA ALA A 141 -7.47 37.72 15.70
C ALA A 141 -7.55 38.01 14.21
N TYR A 142 -7.42 36.98 13.41
CA TYR A 142 -7.56 37.14 11.96
C TYR A 142 -9.04 37.33 11.60
N GLY A 143 -9.34 38.32 10.77
CA GLY A 143 -10.72 38.54 10.38
C GLY A 143 -10.73 39.21 9.00
N THR A 144 -11.83 38.98 8.31
CA THR A 144 -12.08 39.63 7.04
C THR A 144 -13.58 39.58 6.75
N CYS A 145 -13.98 39.63 5.49
CA CYS A 145 -15.39 39.71 5.17
C CYS A 145 -15.69 39.19 3.78
N ILE A 146 -16.98 39.03 3.51
CA ILE A 146 -17.47 38.69 2.18
C ILE A 146 -18.82 39.34 1.99
N ARG A 147 -19.17 39.69 0.74
CA ARG A 147 -20.49 40.28 0.47
C ARG A 147 -21.64 39.38 0.91
N LEU A 148 -22.65 39.98 1.55
CA LEU A 148 -23.83 39.27 1.97
C LEU A 148 -24.55 38.59 0.80
N SER A 149 -24.67 39.30 -0.31
CA SER A 149 -25.44 38.80 -1.44
C SER A 149 -24.78 37.53 -1.97
N TRP A 150 -23.45 37.47 -1.83
CA TRP A 150 -22.72 36.25 -2.31
C TRP A 150 -23.03 35.03 -1.42
N CYS A 151 -23.19 35.27 -0.11
CA CYS A 151 -23.63 34.21 0.83
C CYS A 151 -25.02 33.66 0.47
N MET A 152 -25.89 34.52 -0.06
CA MET A 152 -27.26 34.12 -0.40
C MET A 152 -27.40 33.54 -1.80
N ASP A 153 -26.30 33.50 -2.55
CA ASP A 153 -26.34 33.07 -3.96
C ASP A 153 -26.01 31.58 -4.09
N PRO A 154 -26.99 30.76 -4.50
CA PRO A 154 -26.69 29.30 -4.63
C PRO A 154 -25.56 28.96 -5.60
N GLU A 155 -25.31 29.82 -6.59
CA GLU A 155 -24.24 29.54 -7.56
C GLU A 155 -22.85 29.63 -6.92
N ARG A 156 -22.74 30.37 -5.82
CA ARG A 156 -21.45 30.59 -5.16
C ARG A 156 -21.14 29.57 -4.07
N CYS A 157 -22.18 28.91 -3.56
CA CYS A 157 -22.06 27.76 -2.65
C CYS A 157 -21.07 28.03 -1.53
N ILE A 158 -21.23 29.18 -0.85
CA ILE A 158 -20.33 29.48 0.26
C ILE A 158 -20.73 28.64 1.47
N MET A 159 -19.76 27.94 2.05
CA MET A 159 -20.02 26.94 3.08
C MET A 159 -19.37 27.25 4.43
N ILE A 160 -19.92 26.64 5.49
CA ILE A 160 -19.18 26.49 6.74
C ILE A 160 -18.91 24.98 6.80
N ALA A 161 -17.65 24.60 6.64
CA ALA A 161 -17.23 23.18 6.52
C ALA A 161 -16.56 22.65 7.79
N TYR A 162 -16.85 21.38 8.07
CA TYR A 162 -16.20 20.68 9.19
C TYR A 162 -15.54 19.36 8.75
N GLN A 163 -15.68 19.01 7.47
CA GLN A 163 -14.90 17.89 6.91
C GLN A 163 -14.28 18.28 5.58
N GLN A 164 -13.11 17.69 5.31
CA GLN A 164 -12.34 17.90 4.09
C GLN A 164 -11.97 16.52 3.55
N ASN A 165 -12.36 16.23 2.30
CA ASN A 165 -12.30 14.87 1.72
C ASN A 165 -12.81 13.81 2.70
N GLY A 166 -13.90 14.13 3.40
CA GLY A 166 -14.60 13.22 4.29
C GLY A 166 -13.95 13.02 5.63
N GLU A 167 -12.81 13.67 5.88
CA GLU A 167 -12.13 13.58 7.17
C GLU A 167 -12.47 14.83 7.98
N TRP A 168 -12.62 14.67 9.29
CA TRP A 168 -12.69 15.83 10.21
C TRP A 168 -11.49 16.74 9.96
N LEU A 169 -11.69 18.05 10.02
CA LEU A 169 -10.61 18.98 9.64
C LEU A 169 -9.38 18.79 10.54
N HIS A 170 -8.19 18.89 9.95
CA HIS A 170 -6.92 18.96 10.69
C HIS A 170 -6.73 20.35 11.28
N PRO A 171 -5.97 20.47 12.39
CA PRO A 171 -5.72 21.81 12.97
C PRO A 171 -5.25 22.87 11.93
N ASP A 172 -4.30 22.48 11.08
CA ASP A 172 -3.73 23.37 10.03
C ASP A 172 -4.81 23.87 9.04
N HIS A 173 -5.92 23.13 8.90
CA HIS A 173 -6.98 23.46 7.93
C HIS A 173 -8.24 24.01 8.55
N GLY A 174 -8.11 24.36 9.83
CA GLY A 174 -9.19 25.09 10.50
C GLY A 174 -9.96 24.34 11.55
N LYS A 175 -9.49 23.15 11.95
CA LYS A 175 -10.27 22.37 12.95
C LYS A 175 -10.81 23.21 14.12
N PRO A 176 -12.13 23.08 14.46
CA PRO A 176 -13.12 22.17 13.88
C PRO A 176 -14.05 22.73 12.80
N LEU A 177 -13.89 24.00 12.45
CA LEU A 177 -14.86 24.66 11.58
C LEU A 177 -14.19 25.83 10.84
N ARG A 178 -14.47 25.92 9.53
CA ARG A 178 -14.00 27.07 8.75
C ARG A 178 -15.04 27.50 7.73
N VAL A 179 -14.88 28.71 7.20
CA VAL A 179 -15.66 29.08 6.01
C VAL A 179 -14.83 28.66 4.79
N VAL A 180 -15.53 28.15 3.75
CA VAL A 180 -14.92 27.88 2.44
C VAL A 180 -15.69 28.71 1.45
N ILE A 181 -14.98 29.62 0.78
CA ILE A 181 -15.58 30.54 -0.19
C ILE A 181 -15.07 30.24 -1.60
N PRO A 182 -15.87 29.52 -2.39
CA PRO A 182 -15.44 29.17 -3.75
C PRO A 182 -15.17 30.36 -4.68
N GLY A 183 -14.17 30.20 -5.56
CA GLY A 183 -13.93 31.19 -6.59
C GLY A 183 -13.28 32.45 -6.06
N VAL A 184 -12.86 32.41 -4.79
CA VAL A 184 -12.31 33.60 -4.07
C VAL A 184 -10.98 33.19 -3.41
N ILE A 185 -10.03 34.13 -3.28
CA ILE A 185 -8.73 33.77 -2.63
C ILE A 185 -8.93 33.10 -1.25
N GLY A 186 -7.99 32.23 -0.93
CA GLY A 186 -8.05 31.47 0.32
C GLY A 186 -8.13 32.41 1.54
N GLY A 187 -7.53 33.59 1.44
CA GLY A 187 -7.61 34.61 2.51
C GLY A 187 -8.97 34.91 3.12
N ARG A 188 -10.05 34.73 2.36
CA ARG A 188 -11.40 34.98 2.86
C ARG A 188 -12.05 33.77 3.50
N SER A 189 -11.42 32.60 3.35
CA SER A 189 -11.92 31.33 3.87
C SER A 189 -11.38 31.15 5.30
N VAL A 190 -12.02 31.88 6.22
CA VAL A 190 -11.55 32.01 7.59
C VAL A 190 -11.61 30.68 8.34
N LYS A 191 -10.44 30.30 8.86
CA LYS A 191 -10.27 29.10 9.67
C LYS A 191 -10.59 29.36 11.15
N TRP A 192 -10.90 28.28 11.88
CA TRP A 192 -11.19 28.31 13.32
C TRP A 192 -12.26 29.36 13.60
N LEU A 193 -13.35 29.28 12.84
CA LEU A 193 -14.35 30.34 12.82
C LEU A 193 -15.03 30.50 14.20
N LYS A 194 -15.02 31.73 14.71
CA LYS A 194 -15.71 32.07 15.98
C LYS A 194 -16.92 33.01 15.90
N LYS A 195 -16.90 33.94 14.94
CA LYS A 195 -17.89 35.01 14.90
C LYS A 195 -18.24 35.38 13.47
N LEU A 196 -19.53 35.57 13.23
CA LEU A 196 -20.08 36.11 11.98
C LEU A 196 -20.83 37.39 12.36
N VAL A 197 -20.36 38.53 11.83
CA VAL A 197 -21.02 39.81 12.09
C VAL A 197 -21.60 40.41 10.80
N VAL A 198 -22.93 40.56 10.76
CA VAL A 198 -23.60 41.16 9.61
C VAL A 198 -23.45 42.70 9.71
N SER A 199 -22.97 43.31 8.63
CA SER A 199 -22.69 44.76 8.62
C SER A 199 -23.08 45.40 7.31
N ASP A 200 -23.06 46.75 7.28
CA ASP A 200 -23.35 47.49 6.06
C ASP A 200 -22.07 47.97 5.36
N ARG A 201 -20.92 47.50 5.81
CA ARG A 201 -19.63 47.99 5.37
C ARG A 201 -18.58 46.89 5.51
N PRO A 202 -17.44 47.02 4.82
CA PRO A 202 -16.41 45.97 4.92
C PRO A 202 -15.82 45.84 6.32
N SER A 203 -15.14 44.73 6.55
CA SER A 203 -14.38 44.50 7.78
C SER A 203 -13.39 45.62 8.06
N GLU A 204 -13.19 45.89 9.35
CA GLU A 204 -12.21 46.87 9.81
C GLU A 204 -11.06 46.16 10.52
N ASN A 205 -10.96 44.84 10.34
CA ASN A 205 -9.87 44.05 10.92
C ASN A 205 -8.52 44.41 10.30
N TRP A 206 -7.46 44.44 11.13
CA TRP A 206 -6.09 44.75 10.65
C TRP A 206 -5.72 43.94 9.39
N TYR A 207 -6.01 42.64 9.43
CA TYR A 207 -5.69 41.72 8.34
C TYR A 207 -6.53 41.96 7.07
N HIS A 208 -7.67 42.59 7.23
CA HIS A 208 -8.48 42.97 6.07
C HIS A 208 -7.84 44.15 5.32
N TYR A 209 -7.25 45.08 6.07
CA TYR A 209 -6.52 46.16 5.42
C TYR A 209 -5.16 45.75 4.90
N PHE A 210 -4.31 45.20 5.76
CA PHE A 210 -2.90 45.13 5.48
C PHE A 210 -2.39 43.83 4.88
N ASP A 211 -3.32 43.07 4.33
CA ASP A 211 -2.95 41.87 3.60
C ASP A 211 -3.98 41.68 2.49
N ASN A 212 -3.64 40.76 1.58
CA ASN A 212 -4.61 40.28 0.56
C ASN A 212 -5.20 41.41 -0.33
N ARG A 213 -4.30 42.31 -0.75
CA ARG A 213 -4.64 43.40 -1.66
C ARG A 213 -3.66 43.43 -2.82
N VAL A 214 -4.13 43.78 -4.02
CA VAL A 214 -3.28 44.06 -5.16
C VAL A 214 -3.21 45.60 -5.31
N LEU A 215 -2.18 46.20 -4.73
CA LEU A 215 -2.03 47.63 -4.85
C LEU A 215 -1.65 48.04 -6.27
N PRO A 216 -2.03 49.26 -6.69
CA PRO A 216 -1.64 49.67 -8.04
C PRO A 216 -0.11 49.54 -8.31
N THR A 217 0.26 49.18 -9.54
CA THR A 217 1.66 48.82 -9.80
C THR A 217 2.68 49.91 -9.50
N MET A 218 2.27 51.17 -9.61
CA MET A 218 3.22 52.27 -9.42
C MET A 218 3.38 52.61 -7.92
N VAL A 219 2.64 51.95 -7.05
CA VAL A 219 2.81 52.18 -5.61
C VAL A 219 3.99 51.34 -5.16
N THR A 220 5.04 51.99 -4.66
CA THR A 220 6.24 51.29 -4.26
C THR A 220 6.05 50.78 -2.82
N PRO A 221 6.88 49.83 -2.41
CA PRO A 221 6.84 49.36 -1.02
C PRO A 221 7.01 50.51 0.00
N GLU A 222 7.86 51.48 -0.33
CA GLU A 222 8.06 52.66 0.53
C GLU A 222 6.79 53.50 0.64
N MET A 223 6.10 53.73 -0.49
CA MET A 223 4.81 54.42 -0.45
C MET A 223 3.76 53.70 0.40
N ALA A 224 3.71 52.37 0.26
CA ALA A 224 2.73 51.56 0.96
C ALA A 224 3.04 51.50 2.46
N LYS A 225 4.32 51.57 2.81
CA LYS A 225 4.74 51.55 4.23
C LYS A 225 4.40 52.88 4.89
N SER A 226 4.58 53.96 4.15
CA SER A 226 4.47 55.30 4.72
C SER A 226 3.07 55.91 4.69
N ASP A 227 2.22 55.41 3.79
CA ASP A 227 0.86 55.92 3.68
C ASP A 227 -0.19 54.79 3.76
N ASP A 228 -0.79 54.67 4.95
CA ASP A 228 -1.84 53.66 5.27
C ASP A 228 -3.06 53.68 4.35
N ARG A 229 -3.35 54.84 3.77
CA ARG A 229 -4.53 55.02 2.92
C ARG A 229 -4.55 54.07 1.71
N TRP A 230 -3.36 53.68 1.27
CA TRP A 230 -3.24 52.72 0.13
C TRP A 230 -3.94 51.41 0.45
N TRP A 231 -4.05 51.08 1.74
CA TRP A 231 -4.58 49.76 2.16
C TRP A 231 -6.06 49.83 2.59
N LYS A 232 -6.68 51.01 2.46
CA LYS A 232 -8.07 51.23 2.90
C LYS A 232 -9.04 51.56 1.76
N ASP A 233 -8.63 51.25 0.53
CA ASP A 233 -9.49 51.46 -0.64
C ASP A 233 -9.95 50.08 -1.13
N GLU A 234 -11.25 49.79 -0.98
CA GLU A 234 -11.80 48.42 -1.26
C GLU A 234 -11.55 47.97 -2.70
N ARG A 235 -11.32 48.93 -3.59
CA ARG A 235 -11.07 48.61 -5.03
C ARG A 235 -9.83 47.72 -5.21
N TYR A 236 -8.94 47.68 -4.21
CA TYR A 236 -7.67 46.92 -4.30
C TYR A 236 -7.72 45.62 -3.45
N ALA A 237 -8.78 45.47 -2.64
CA ALA A 237 -8.97 44.24 -1.85
C ALA A 237 -9.32 43.09 -2.80
N ILE A 238 -8.67 41.94 -2.59
CA ILE A 238 -8.88 40.77 -3.50
C ILE A 238 -10.06 39.94 -3.00
N TYR A 239 -11.00 39.63 -3.91
CA TYR A 239 -12.02 38.64 -3.59
C TYR A 239 -12.00 37.55 -4.64
N ASP A 240 -12.76 37.73 -5.72
CA ASP A 240 -12.71 36.75 -6.82
C ASP A 240 -11.30 36.57 -7.40
N LEU A 241 -10.92 35.32 -7.65
CA LEU A 241 -9.65 35.03 -8.29
C LEU A 241 -9.55 35.57 -9.73
N ASN A 242 -8.31 35.81 -10.19
CA ASN A 242 -8.12 36.08 -11.61
C ASN A 242 -7.75 34.77 -12.30
N LEU A 243 -7.64 34.81 -13.61
CA LEU A 243 -7.55 33.56 -14.39
C LEU A 243 -6.11 33.11 -14.42
N GLN A 244 -5.84 31.84 -14.11
CA GLN A 244 -4.50 31.24 -14.18
C GLN A 244 -4.50 29.97 -15.02
N THR A 245 -3.44 29.80 -15.81
CA THR A 245 -3.14 28.50 -16.42
C THR A 245 -1.64 28.17 -16.19
N ILE A 246 -1.36 26.90 -15.88
CA ILE A 246 -0.04 26.45 -15.46
C ILE A 246 0.32 25.23 -16.29
N ILE A 247 1.55 25.19 -16.77
CA ILE A 247 2.07 23.99 -17.46
C ILE A 247 2.70 23.09 -16.38
N CYS A 248 2.34 21.81 -16.39
CA CYS A 248 2.87 20.82 -15.49
C CYS A 248 3.70 19.75 -16.22
N LYS A 249 3.38 19.53 -17.49
CA LYS A 249 4.10 18.58 -18.34
C LYS A 249 4.44 19.31 -19.62
N PRO A 250 5.74 19.35 -20.00
CA PRO A 250 6.88 18.67 -19.31
C PRO A 250 7.24 19.30 -17.97
N GLU A 251 7.90 18.51 -17.13
CA GLU A 251 8.32 18.92 -15.79
C GLU A 251 9.63 19.69 -15.87
N ASN A 252 9.91 20.46 -14.83
CA ASN A 252 11.18 21.19 -14.77
C ASN A 252 12.37 20.22 -14.86
N GLN A 253 13.30 20.56 -15.75
CA GLN A 253 14.55 19.82 -16.05
C GLN A 253 14.31 18.49 -16.76
N GLN A 254 13.06 18.24 -17.15
CA GLN A 254 12.73 17.03 -17.94
C GLN A 254 13.48 17.07 -19.26
N VAL A 255 14.04 15.92 -19.69
CA VAL A 255 14.79 15.83 -20.92
C VAL A 255 14.08 14.82 -21.81
N ILE A 256 13.88 15.18 -23.07
CA ILE A 256 13.14 14.31 -24.00
C ILE A 256 13.90 14.17 -25.32
N LYS A 257 14.10 12.94 -25.77
CA LYS A 257 14.72 12.70 -27.07
C LYS A 257 13.86 13.23 -28.22
N ILE A 258 14.47 13.98 -29.13
CA ILE A 258 13.78 14.41 -30.35
C ILE A 258 13.49 13.18 -31.23
N SER A 259 12.22 12.99 -31.58
CA SER A 259 11.83 11.87 -32.45
C SER A 259 10.60 12.24 -33.27
N GLU A 260 10.07 11.28 -34.03
CA GLU A 260 8.83 11.46 -34.80
C GLU A 260 7.62 11.50 -33.87
N ASP A 261 7.81 11.18 -32.60
CA ASP A 261 6.71 11.10 -31.64
C ASP A 261 6.12 12.48 -31.29
N GLU A 262 4.87 12.47 -30.87
CA GLU A 262 4.24 13.65 -30.29
C GLU A 262 4.49 13.63 -28.80
N TYR A 263 4.48 14.82 -28.20
CA TYR A 263 4.55 14.92 -26.77
C TYR A 263 3.26 15.62 -26.29
N GLU A 264 2.65 15.14 -25.19
CA GLU A 264 1.42 15.76 -24.68
C GLU A 264 1.74 16.82 -23.62
N ILE A 265 1.81 18.06 -24.08
CA ILE A 265 1.90 19.21 -23.14
C ILE A 265 0.63 19.23 -22.29
N ALA A 266 0.75 19.50 -20.99
CA ALA A 266 -0.39 19.40 -20.12
C ALA A 266 -0.29 20.24 -18.88
N GLY A 267 -1.44 20.56 -18.33
CA GLY A 267 -1.48 21.32 -17.07
C GLY A 267 -2.88 21.55 -16.54
N PHE A 268 -3.01 22.61 -15.74
CA PHE A 268 -4.32 22.94 -15.15
C PHE A 268 -4.61 24.44 -15.28
N GLY A 269 -5.86 24.79 -14.97
CA GLY A 269 -6.27 26.22 -14.93
C GLY A 269 -7.31 26.44 -13.90
N TYR A 270 -7.39 27.68 -13.41
CA TYR A 270 -8.51 28.00 -12.53
C TYR A 270 -8.86 29.48 -12.68
N ASN A 271 -9.98 29.87 -12.09
CA ASN A 271 -10.53 31.24 -12.36
C ASN A 271 -11.49 31.58 -11.23
N GLY A 272 -11.81 32.87 -11.13
CA GLY A 272 -12.66 33.27 -10.00
C GLY A 272 -14.12 33.50 -10.38
N GLY A 273 -14.94 33.71 -9.33
CA GLY A 273 -16.33 34.11 -9.49
C GLY A 273 -17.23 33.07 -10.15
N GLY A 274 -16.72 31.83 -10.26
CA GLY A 274 -17.52 30.73 -10.87
C GLY A 274 -17.55 30.81 -12.38
N VAL A 275 -16.70 31.65 -13.00
CA VAL A 275 -16.70 31.87 -14.46
C VAL A 275 -15.84 30.80 -15.12
N ARG A 276 -16.45 30.06 -16.04
CA ARG A 276 -15.73 29.00 -16.76
C ARG A 276 -14.58 29.53 -17.63
N ILE A 277 -13.47 28.77 -17.64
CA ILE A 277 -12.40 29.06 -18.58
C ILE A 277 -12.88 28.44 -19.89
N GLY A 278 -13.08 29.26 -20.92
CA GLY A 278 -13.67 28.77 -22.17
C GLY A 278 -12.66 28.23 -23.15
N ARG A 279 -11.41 28.67 -23.01
CA ARG A 279 -10.34 28.24 -23.93
C ARG A 279 -8.98 28.37 -23.26
N ILE A 280 -8.12 27.41 -23.58
CA ILE A 280 -6.74 27.40 -23.10
C ILE A 280 -5.88 27.21 -24.34
N GLU A 281 -4.94 28.14 -24.53
CA GLU A 281 -4.18 28.25 -25.77
C GLU A 281 -2.70 28.20 -25.48
N VAL A 282 -1.96 27.49 -26.34
CA VAL A 282 -0.54 27.31 -26.17
C VAL A 282 0.19 27.89 -27.40
N SER A 283 1.31 28.58 -27.18
CA SER A 283 2.13 29.10 -28.30
C SER A 283 3.56 28.59 -28.19
N LEU A 284 4.11 28.11 -29.33
CA LEU A 284 5.50 27.68 -29.40
C LEU A 284 6.35 28.69 -30.14
N ASP A 285 5.75 29.81 -30.54
CA ASP A 285 6.40 30.84 -31.34
C ASP A 285 6.30 32.25 -30.74
N LYS A 286 6.29 32.30 -29.42
CA LYS A 286 6.37 33.56 -28.66
C LYS A 286 5.10 34.42 -28.83
N GLY A 287 3.97 33.75 -29.06
CA GLY A 287 2.71 34.45 -29.16
C GLY A 287 2.32 34.88 -30.56
N LYS A 288 3.09 34.51 -31.55
CA LYS A 288 2.72 34.80 -32.95
C LYS A 288 1.50 33.99 -33.41
N SER A 289 1.47 32.70 -33.04
CA SER A 289 0.32 31.82 -33.32
C SER A 289 0.01 31.00 -32.06
N TRP A 290 -1.24 30.58 -31.93
CA TRP A 290 -1.72 29.89 -30.74
C TRP A 290 -2.42 28.61 -31.18
N LYS A 291 -2.32 27.60 -30.34
CA LYS A 291 -2.94 26.28 -30.58
C LYS A 291 -3.95 26.01 -29.50
N LEU A 292 -5.09 25.45 -29.89
CA LEU A 292 -6.18 25.24 -28.96
C LEU A 292 -6.01 23.94 -28.17
N ALA A 293 -5.89 24.03 -26.85
CA ALA A 293 -5.80 22.81 -26.01
C ALA A 293 -7.16 22.15 -25.77
N ASP A 294 -7.15 20.84 -25.46
CA ASP A 294 -8.35 20.14 -25.04
C ASP A 294 -8.55 20.31 -23.55
N ILE A 295 -9.71 20.77 -23.12
CA ILE A 295 -9.97 20.98 -21.67
C ILE A 295 -10.92 19.89 -21.11
N ASP A 296 -10.54 19.33 -19.97
CA ASP A 296 -11.36 18.42 -19.20
C ASP A 296 -11.81 19.16 -17.93
N TYR A 297 -13.12 19.16 -17.68
CA TYR A 297 -13.68 19.83 -16.51
C TYR A 297 -14.29 18.75 -15.61
N PRO A 298 -13.51 18.18 -14.71
CA PRO A 298 -14.04 17.08 -13.89
C PRO A 298 -15.25 17.46 -13.04
N GLU A 299 -15.36 18.74 -12.67
CA GLU A 299 -16.52 19.16 -11.92
C GLU A 299 -17.83 18.88 -12.66
N ASP A 300 -17.79 18.91 -13.99
CA ASP A 300 -18.99 18.75 -14.83
C ASP A 300 -19.48 17.31 -14.69
N ARG A 301 -18.59 16.38 -14.34
CA ARG A 301 -19.00 14.97 -14.09
C ARG A 301 -19.89 14.87 -12.86
N TYR A 302 -19.57 15.66 -11.83
CA TYR A 302 -20.41 15.75 -10.65
C TYR A 302 -21.72 16.44 -11.00
N ARG A 303 -21.67 17.45 -11.87
CA ARG A 303 -22.85 18.20 -12.32
C ARG A 303 -23.82 17.26 -13.02
N GLU A 304 -23.26 16.40 -13.86
CA GLU A 304 -24.05 15.47 -14.67
C GLU A 304 -24.61 14.31 -13.89
N ALA A 305 -24.07 14.03 -12.71
CA ALA A 305 -24.52 12.86 -11.92
C ALA A 305 -25.86 13.05 -11.20
N GLY A 306 -26.39 14.26 -11.19
CA GLY A 306 -27.55 14.59 -10.35
C GLY A 306 -27.25 14.52 -8.87
N TYR A 307 -28.29 14.24 -8.08
CA TYR A 307 -28.14 14.24 -6.63
C TYR A 307 -27.58 12.92 -6.15
N PHE A 308 -26.59 13.03 -5.28
CA PHE A 308 -26.11 11.87 -4.52
C PHE A 308 -25.42 12.35 -3.24
N ARG A 309 -25.15 11.44 -2.29
CA ARG A 309 -24.54 11.86 -1.03
C ARG A 309 -23.13 11.31 -0.89
N LEU A 310 -22.23 12.14 -0.36
CA LEU A 310 -20.86 11.74 0.01
C LEU A 310 -20.63 12.22 1.42
N PHE A 311 -20.12 11.35 2.28
CA PHE A 311 -19.84 11.72 3.68
C PHE A 311 -21.03 12.34 4.42
N GLY A 312 -22.25 11.89 4.11
CA GLY A 312 -23.45 12.41 4.80
C GLY A 312 -23.90 13.78 4.30
N GLY A 313 -23.31 14.23 3.19
CA GLY A 313 -23.68 15.54 2.61
C GLY A 313 -24.19 15.45 1.19
N LEU A 314 -25.19 16.26 0.85
CA LEU A 314 -25.73 16.26 -0.49
C LEU A 314 -24.75 16.86 -1.49
N VAL A 315 -24.46 16.11 -2.55
CA VAL A 315 -23.70 16.69 -3.68
C VAL A 315 -24.75 17.29 -4.63
N ASN A 316 -24.74 18.61 -4.75
CA ASN A 316 -25.75 19.29 -5.62
C ASN A 316 -25.10 20.22 -6.65
N VAL A 317 -23.93 19.81 -7.15
CA VAL A 317 -23.30 20.52 -8.27
C VAL A 317 -24.33 20.65 -9.42
N CYS A 318 -25.14 19.60 -9.59
CA CYS A 318 -26.21 19.57 -10.59
C CYS A 318 -27.18 20.76 -10.56
N ASP A 319 -27.30 21.44 -9.42
CA ASP A 319 -28.19 22.60 -9.29
C ASP A 319 -27.53 23.88 -9.81
N ARG A 320 -26.21 23.84 -10.05
CA ARG A 320 -25.45 25.06 -10.43
C ARG A 320 -24.96 25.01 -11.87
N MET A 321 -24.68 26.19 -12.42
CA MET A 321 -23.93 26.29 -13.69
C MET A 321 -22.49 26.77 -13.49
N SER A 322 -22.22 27.27 -12.28
CA SER A 322 -20.88 27.82 -12.00
C SER A 322 -19.77 26.77 -12.03
N CYS A 323 -18.56 27.23 -12.28
CA CYS A 323 -17.35 26.44 -12.22
C CYS A 323 -16.56 26.87 -11.00
N LEU A 324 -16.57 26.03 -9.99
CA LEU A 324 -15.98 26.38 -8.67
C LEU A 324 -14.67 25.66 -8.47
N CYS A 325 -14.31 24.84 -9.48
CA CYS A 325 -13.09 24.03 -9.46
C CYS A 325 -12.18 24.25 -10.68
N TRP A 326 -10.93 23.85 -10.52
CA TRP A 326 -9.98 23.89 -11.60
C TRP A 326 -10.36 22.93 -12.69
N CYS A 327 -9.75 23.14 -13.85
CA CYS A 327 -9.86 22.22 -14.98
C CYS A 327 -8.47 21.82 -15.43
N PHE A 328 -8.41 20.76 -16.24
CA PHE A 328 -7.15 20.23 -16.73
C PHE A 328 -7.13 20.32 -18.23
N TRP A 329 -5.96 20.53 -18.79
CA TRP A 329 -5.80 20.70 -20.24
C TRP A 329 -4.63 19.89 -20.78
N LYS A 330 -4.77 19.53 -22.06
CA LYS A 330 -3.78 18.73 -22.78
C LYS A 330 -3.63 19.21 -24.22
N LEU A 331 -2.43 19.13 -24.76
CA LEU A 331 -2.22 19.42 -26.21
C LEU A 331 -1.05 18.61 -26.72
N LYS A 332 -1.31 17.74 -27.70
CA LYS A 332 -0.24 16.98 -28.36
C LYS A 332 0.42 17.81 -29.46
N VAL A 333 1.75 17.84 -29.41
CA VAL A 333 2.55 18.50 -30.46
C VAL A 333 3.69 17.58 -30.93
N PRO A 334 4.06 17.66 -32.22
CA PRO A 334 5.22 16.87 -32.64
C PRO A 334 6.52 17.33 -31.96
N LEU A 335 7.34 16.38 -31.51
CA LEU A 335 8.64 16.71 -30.93
C LEU A 335 9.51 17.52 -31.89
N SER A 336 9.32 17.31 -33.20
CA SER A 336 10.04 18.05 -34.25
C SER A 336 9.72 19.55 -34.23
N GLU A 337 8.46 19.86 -33.94
CA GLU A 337 8.03 21.26 -33.78
C GLU A 337 8.57 21.87 -32.49
N LEU A 338 8.52 21.11 -31.39
CA LEU A 338 9.12 21.61 -30.15
C LEU A 338 10.60 21.89 -30.34
N ALA A 339 11.27 21.04 -31.13
CA ALA A 339 12.71 21.17 -31.37
C ALA A 339 13.05 22.46 -32.12
N ARG A 340 12.07 23.02 -32.84
CA ARG A 340 12.25 24.29 -33.56
C ARG A 340 11.83 25.49 -32.70
N SER A 341 11.41 25.23 -31.46
CA SER A 341 10.86 26.27 -30.58
C SER A 341 11.78 26.60 -29.43
N LYS A 342 11.67 27.82 -28.89
CA LYS A 342 12.48 28.23 -27.74
C LYS A 342 11.71 28.24 -26.41
N ASP A 343 10.38 28.10 -26.50
CA ASP A 343 9.56 28.11 -25.29
C ASP A 343 8.14 27.64 -25.58
N ILE A 344 7.44 27.34 -24.50
CA ILE A 344 6.02 27.03 -24.49
C ILE A 344 5.37 28.12 -23.63
N LEU A 345 4.36 28.78 -24.15
CA LEU A 345 3.54 29.74 -23.38
C LEU A 345 2.14 29.17 -23.30
N ILE A 346 1.47 29.38 -22.16
CA ILE A 346 0.03 29.05 -22.09
C ILE A 346 -0.76 30.23 -21.53
N ARG A 347 -1.98 30.39 -22.02
CA ARG A 347 -2.88 31.47 -21.50
C ARG A 347 -4.31 30.94 -21.64
N GLY A 348 -5.18 31.43 -20.77
CA GLY A 348 -6.61 31.10 -20.83
C GLY A 348 -7.38 32.37 -21.06
N MET A 349 -8.57 32.21 -21.63
CA MET A 349 -9.59 33.28 -21.72
C MET A 349 -10.89 32.69 -21.19
N ASP A 350 -11.59 33.47 -20.37
CA ASP A 350 -12.79 32.96 -19.74
C ASP A 350 -14.07 33.29 -20.54
N GLU A 351 -15.23 32.98 -19.98
CA GLU A 351 -16.51 33.20 -20.65
C GLU A 351 -16.98 34.65 -20.51
N ARG A 352 -16.12 35.49 -19.95
CA ARG A 352 -16.30 36.95 -20.05
C ARG A 352 -15.35 37.55 -21.08
N MET A 353 -14.71 36.68 -21.88
CA MET A 353 -13.74 37.05 -22.87
C MET A 353 -12.62 37.93 -22.28
N MET A 354 -12.23 37.60 -21.07
CA MET A 354 -11.08 38.22 -20.43
C MET A 354 -9.95 37.20 -20.46
N VAL A 355 -8.79 37.67 -20.87
CA VAL A 355 -7.63 36.81 -21.15
C VAL A 355 -6.49 37.13 -20.17
N GLN A 356 -5.59 36.18 -19.90
CA GLN A 356 -4.40 36.51 -19.10
C GLN A 356 -3.52 37.48 -19.90
N PRO A 357 -2.84 38.38 -19.18
CA PRO A 357 -1.97 39.35 -19.85
C PRO A 357 -0.59 38.81 -20.19
N ARG A 358 0.00 39.37 -21.25
CA ARG A 358 1.42 39.14 -21.56
C ARG A 358 2.31 39.77 -20.50
N THR A 359 1.91 40.95 -20.04
CA THR A 359 2.73 41.83 -19.19
C THR A 359 2.58 41.51 -17.70
N MET A 360 3.71 41.38 -17.00
CA MET A 360 3.64 41.22 -15.55
C MET A 360 3.02 42.48 -14.88
N TYR A 361 2.17 42.26 -13.89
CA TYR A 361 1.65 43.35 -13.05
C TYR A 361 2.32 43.25 -11.68
N TRP A 362 3.52 43.80 -11.57
CA TRP A 362 4.26 43.73 -10.32
C TRP A 362 3.55 44.59 -9.27
N ASN A 363 3.41 44.07 -8.05
CA ASN A 363 2.76 44.82 -6.97
C ASN A 363 3.36 44.49 -5.60
N VAL A 364 3.12 45.38 -4.63
CA VAL A 364 3.79 45.32 -3.33
C VAL A 364 3.72 44.00 -2.61
N THR A 365 2.55 43.36 -2.60
CA THR A 365 2.41 42.04 -1.95
C THR A 365 2.69 40.91 -2.92
N SER A 366 3.00 41.26 -4.16
CA SER A 366 3.25 40.28 -5.25
C SER A 366 2.18 39.18 -5.29
N MET A 367 0.94 39.64 -5.29
CA MET A 367 -0.23 38.74 -5.32
C MET A 367 -0.89 38.70 -6.70
N LEU A 368 -1.61 37.59 -6.93
CA LEU A 368 -2.39 37.37 -8.15
C LEU A 368 -1.61 37.59 -9.45
N ASN A 369 -0.35 37.17 -9.41
CA ASN A 369 0.56 37.23 -10.58
C ASN A 369 0.08 36.27 -11.67
N ASN A 370 -0.59 36.79 -12.72
CA ASN A 370 -1.23 35.87 -13.71
C ASN A 370 -0.81 36.14 -15.16
N TRP A 371 0.35 36.74 -15.34
CA TRP A 371 0.90 36.88 -16.71
C TRP A 371 1.16 35.48 -17.27
N TRP A 372 1.35 35.34 -18.57
CA TRP A 372 1.52 33.98 -19.17
C TRP A 372 2.65 33.18 -18.51
N TYR A 373 2.31 31.92 -18.17
CA TYR A 373 3.30 30.97 -17.63
C TYR A 373 4.16 30.46 -18.81
N ARG A 374 5.48 30.51 -18.63
CA ARG A 374 6.42 30.19 -19.72
C ARG A 374 7.35 29.06 -19.29
N VAL A 375 7.52 28.09 -20.19
CA VAL A 375 8.51 27.00 -19.99
C VAL A 375 9.53 27.12 -21.11
N ALA A 376 10.80 27.35 -20.74
CA ALA A 376 11.87 27.48 -21.75
C ALA A 376 12.24 26.10 -22.30
N ILE A 377 12.68 26.07 -23.56
CA ILE A 377 13.12 24.85 -24.26
C ILE A 377 14.60 25.05 -24.64
N ILE A 378 15.45 24.14 -24.19
CA ILE A 378 16.89 24.23 -24.42
C ILE A 378 17.25 22.99 -25.24
N ARG A 379 17.80 23.18 -26.43
CA ARG A 379 18.16 22.00 -27.24
C ARG A 379 19.57 21.57 -26.90
N GLU A 380 19.74 20.29 -26.57
CA GLU A 380 21.07 19.77 -26.20
C GLU A 380 21.32 18.46 -26.97
N GLY A 381 22.02 18.61 -28.09
CA GLY A 381 22.28 17.49 -29.00
C GLY A 381 21.00 17.05 -29.69
N GLU A 382 20.59 15.81 -29.41
CA GLU A 382 19.39 15.24 -30.00
C GLU A 382 18.26 15.19 -29.00
N SER A 383 18.37 16.01 -27.97
CA SER A 383 17.35 16.04 -26.92
C SER A 383 16.96 17.48 -26.60
N LEU A 384 15.79 17.59 -25.98
CA LEU A 384 15.28 18.87 -25.45
C LEU A 384 15.20 18.81 -23.94
N ARG A 385 15.62 19.89 -23.28
CA ARG A 385 15.46 20.02 -21.86
C ARG A 385 14.56 21.22 -21.55
N PHE A 386 13.70 21.09 -20.54
CA PHE A 386 12.64 22.09 -20.32
C PHE A 386 12.84 22.76 -18.99
N GLU A 387 12.58 24.06 -18.92
CA GLU A 387 12.79 24.82 -17.69
C GLU A 387 11.53 25.63 -17.34
N HIS A 388 10.95 25.39 -16.16
CA HIS A 388 9.88 26.24 -15.63
C HIS A 388 10.46 27.56 -15.15
N PRO A 389 9.62 28.58 -14.93
CA PRO A 389 10.19 29.90 -14.54
C PRO A 389 11.00 29.86 -13.24
N VAL A 390 10.40 29.24 -12.22
CA VAL A 390 10.99 29.10 -10.90
C VAL A 390 10.70 27.69 -10.35
N VAL A 391 11.51 27.29 -9.39
CA VAL A 391 11.34 26.05 -8.63
C VAL A 391 11.03 26.45 -7.18
N ALA A 392 10.03 25.80 -6.58
CA ALA A 392 9.76 26.00 -5.15
C ALA A 392 11.02 25.69 -4.31
N ASN A 393 11.42 26.68 -3.52
CA ASN A 393 12.47 26.55 -2.51
C ASN A 393 13.93 26.38 -3.00
N LYS A 394 14.17 26.44 -4.31
CA LYS A 394 15.50 26.17 -4.86
C LYS A 394 15.77 26.96 -6.16
N PRO A 395 17.03 27.03 -6.61
CA PRO A 395 17.18 27.55 -7.96
C PRO A 395 16.76 26.47 -8.97
N GLY A 396 16.94 26.77 -10.26
CA GLY A 396 16.79 25.72 -11.25
C GLY A 396 15.77 26.01 -12.34
N GLY A 397 15.26 27.25 -12.39
CA GLY A 397 14.32 27.64 -13.43
C GLY A 397 14.91 28.61 -14.44
N TRP A 398 14.14 28.93 -15.48
CA TRP A 398 14.68 29.83 -16.51
C TRP A 398 14.91 31.23 -15.97
N MET A 399 14.17 31.65 -14.94
CA MET A 399 14.39 33.00 -14.37
C MET A 399 15.76 33.07 -13.68
N ASP A 400 16.13 32.01 -12.94
CA ASP A 400 17.49 31.90 -12.36
C ASP A 400 18.54 32.03 -13.47
N ARG A 401 18.31 31.32 -14.57
CA ARG A 401 19.26 31.31 -15.68
C ARG A 401 19.35 32.70 -16.32
N VAL A 402 18.18 33.33 -16.55
CA VAL A 402 18.18 34.65 -17.19
C VAL A 402 18.93 35.70 -16.33
N LYS A 403 18.77 35.60 -15.02
CA LYS A 403 19.49 36.49 -14.11
C LYS A 403 21.00 36.21 -14.17
N ALA A 404 21.37 34.92 -14.25
CA ALA A 404 22.80 34.56 -14.44
C ALA A 404 23.36 35.06 -15.78
N GLU A 405 22.46 35.30 -16.74
CA GLU A 405 22.82 35.80 -18.06
C GLU A 405 22.81 37.33 -18.11
N GLY A 406 22.33 37.96 -17.04
CA GLY A 406 22.31 39.44 -16.95
C GLY A 406 21.05 40.05 -17.59
N GLY A 407 20.06 39.19 -17.90
CA GLY A 407 18.86 39.62 -18.67
C GLY A 407 17.78 40.30 -17.87
N ASP A 408 16.87 41.00 -18.58
CA ASP A 408 15.76 41.74 -17.96
C ASP A 408 14.47 40.96 -18.22
N ILE A 409 13.98 40.29 -17.18
CA ILE A 409 12.82 39.40 -17.29
C ILE A 409 11.59 40.17 -17.80
N LEU A 410 11.55 41.49 -17.54
CA LEU A 410 10.38 42.31 -17.97
C LEU A 410 10.47 42.78 -19.41
N ASP A 411 11.54 42.44 -20.10
CA ASP A 411 11.67 42.92 -21.48
C ASP A 411 10.77 42.13 -22.41
N ASN A 412 10.73 42.51 -23.69
CA ASN A 412 9.79 41.84 -24.60
C ASN A 412 10.10 40.38 -24.94
N ASN A 413 11.29 39.91 -24.56
CA ASN A 413 11.65 38.51 -24.78
C ASN A 413 11.97 37.76 -23.45
N TRP A 414 11.32 38.17 -22.35
CA TRP A 414 11.44 37.50 -21.03
C TRP A 414 12.90 37.48 -20.53
N GLY A 415 13.71 38.40 -21.06
CA GLY A 415 15.11 38.54 -20.63
C GLY A 415 16.03 37.59 -21.39
N GLU A 416 15.46 36.76 -22.24
CA GLU A 416 16.24 35.82 -23.05
C GLU A 416 16.92 36.52 -24.23
N VAL A 417 18.06 36.01 -24.66
CA VAL A 417 18.75 36.62 -25.77
C VAL A 417 17.91 36.62 -27.08
N ASP A 418 18.01 37.76 -27.77
CA ASP A 418 17.23 38.29 -28.95
C ASP A 418 15.80 37.82 -29.26
N PRO B 4 5.66 -36.13 23.70
CA PRO B 4 6.18 -36.05 22.32
C PRO B 4 7.63 -35.57 22.26
N PHE B 5 8.28 -35.76 21.10
CA PHE B 5 9.64 -35.25 20.91
C PHE B 5 9.71 -34.56 19.56
N ASN B 6 10.33 -33.37 19.53
CA ASN B 6 10.50 -32.62 18.28
C ASN B 6 11.92 -32.11 18.20
N SER B 7 12.51 -32.14 16.99
CA SER B 7 13.82 -31.56 16.76
C SER B 7 13.83 -30.84 15.40
N GLU B 8 14.38 -29.62 15.36
CA GLU B 8 14.40 -28.78 14.17
C GLU B 8 15.86 -28.40 13.82
N PRO B 9 16.29 -28.59 12.53
CA PRO B 9 17.65 -28.17 12.18
C PRO B 9 17.73 -26.65 12.19
N PRO B 10 18.93 -26.09 12.34
CA PRO B 10 19.08 -24.63 12.20
C PRO B 10 18.75 -24.19 10.77
N LEU B 11 18.05 -23.06 10.63
CA LEU B 11 17.57 -22.62 9.29
C LEU B 11 18.74 -22.46 8.30
N THR B 12 19.82 -21.81 8.74
CA THR B 12 20.99 -21.61 7.84
C THR B 12 21.62 -22.93 7.40
N LYS B 13 21.77 -23.87 8.34
CA LYS B 13 22.29 -25.20 8.04
C LYS B 13 21.38 -26.01 7.07
N LEU B 14 20.07 -25.90 7.28
CA LEU B 14 19.11 -26.52 6.35
C LEU B 14 19.26 -25.95 4.94
N TYR B 15 19.29 -24.62 4.82
CA TYR B 15 19.48 -24.00 3.49
C TYR B 15 20.83 -24.37 2.86
N ASP B 16 21.89 -24.22 3.66
CA ASP B 16 23.25 -24.39 3.17
C ASP B 16 23.52 -25.82 2.72
N SER B 17 22.79 -26.78 3.30
CA SER B 17 22.92 -28.19 2.91
C SER B 17 22.42 -28.47 1.49
N GLY B 18 21.55 -27.60 0.98
CA GLY B 18 21.06 -27.72 -0.39
C GLY B 18 19.88 -28.66 -0.59
N PHE B 19 19.68 -29.12 -1.81
CA PHE B 19 18.41 -29.78 -2.16
C PHE B 19 18.09 -31.02 -1.31
N LEU B 20 19.12 -31.82 -1.02
CA LEU B 20 18.90 -33.01 -0.20
C LEU B 20 19.49 -32.82 1.19
N THR B 21 18.60 -32.88 2.17
CA THR B 21 19.00 -32.70 3.57
C THR B 21 19.67 -33.97 4.09
N PRO B 22 20.87 -33.83 4.72
CA PRO B 22 21.48 -34.98 5.43
C PRO B 22 20.54 -35.62 6.44
N VAL B 23 20.55 -36.95 6.50
CA VAL B 23 19.68 -37.66 7.45
C VAL B 23 19.82 -37.12 8.88
N SER B 24 21.07 -36.82 9.29
CA SER B 24 21.33 -36.33 10.66
C SER B 24 20.70 -34.97 10.94
N LEU B 25 20.42 -34.21 9.86
CA LEU B 25 19.80 -32.90 9.98
C LEU B 25 18.26 -32.94 9.80
N HIS B 26 17.71 -34.06 9.34
CA HIS B 26 16.27 -34.10 9.02
C HIS B 26 15.44 -33.82 10.30
N PHE B 27 14.45 -32.94 10.22
CA PHE B 27 13.62 -32.64 11.43
C PHE B 27 12.98 -33.91 11.99
N VAL B 28 12.65 -33.97 13.29
CA VAL B 28 12.02 -35.18 13.87
C VAL B 28 10.73 -34.73 14.57
N ARG B 29 9.67 -35.53 14.41
CA ARG B 29 8.40 -35.31 15.12
C ARG B 29 7.82 -36.68 15.51
N ASN B 30 7.80 -36.96 16.83
CA ASN B 30 7.23 -38.17 17.40
C ASN B 30 6.16 -37.77 18.39
N HIS B 31 5.01 -38.41 18.36
CA HIS B 31 3.93 -38.11 19.28
C HIS B 31 4.20 -38.72 20.67
N GLY B 32 4.99 -39.77 20.68
CA GLY B 32 5.32 -40.47 21.93
C GLY B 32 6.60 -41.25 21.78
N PRO B 33 6.75 -42.33 22.57
CA PRO B 33 7.96 -43.15 22.47
C PRO B 33 8.16 -43.81 21.11
N VAL B 34 9.44 -43.91 20.72
CA VAL B 34 9.81 -44.48 19.45
C VAL B 34 9.94 -46.00 19.64
N PRO B 35 9.17 -46.80 18.90
CA PRO B 35 9.42 -48.23 19.05
C PRO B 35 10.78 -48.61 18.45
N TYR B 36 11.62 -49.21 19.26
CA TYR B 36 12.97 -49.53 18.81
C TYR B 36 13.02 -50.95 18.24
N VAL B 37 13.51 -51.07 17.01
CA VAL B 37 13.56 -52.35 16.29
C VAL B 37 15.03 -52.69 15.95
N PRO B 38 15.53 -53.83 16.45
CA PRO B 38 16.97 -54.10 16.19
C PRO B 38 17.21 -54.45 14.72
N ASP B 39 18.41 -54.17 14.22
CA ASP B 39 18.78 -54.49 12.83
C ASP B 39 18.40 -55.91 12.45
N GLU B 40 18.70 -56.87 13.33
CA GLU B 40 18.48 -58.29 13.02
C GLU B 40 17.00 -58.65 12.81
N ASN B 41 16.10 -57.75 13.22
CA ASN B 41 14.64 -57.96 13.13
C ASN B 41 13.95 -57.26 11.94
N ILE B 42 14.68 -56.39 11.22
CA ILE B 42 14.15 -55.57 10.11
C ILE B 42 13.35 -56.34 9.05
N LEU B 43 13.94 -57.41 8.50
CA LEU B 43 13.39 -58.07 7.32
C LEU B 43 12.12 -58.85 7.57
N ASP B 44 11.86 -59.16 8.84
CA ASP B 44 10.68 -59.92 9.22
C ASP B 44 9.49 -59.03 9.59
N TRP B 45 9.71 -57.72 9.61
CA TRP B 45 8.65 -56.75 9.99
C TRP B 45 7.48 -56.93 9.07
N GLU B 46 6.29 -57.12 9.65
CA GLU B 46 5.12 -57.46 8.87
C GLU B 46 4.07 -56.32 8.86
N VAL B 47 3.51 -56.08 7.67
CA VAL B 47 2.37 -55.17 7.49
C VAL B 47 1.14 -55.97 7.05
N SER B 48 0.00 -55.67 7.67
CA SER B 48 -1.26 -56.29 7.30
C SER B 48 -2.10 -55.36 6.41
N ILE B 49 -2.59 -55.90 5.29
CA ILE B 49 -3.50 -55.18 4.39
C ILE B 49 -4.91 -55.77 4.59
N GLU B 50 -5.82 -54.95 5.10
CA GLU B 50 -7.16 -55.40 5.50
C GLU B 50 -8.28 -54.47 5.00
N GLY B 51 -9.52 -54.79 5.37
CA GLY B 51 -10.67 -53.94 5.12
C GLY B 51 -11.47 -54.29 3.87
N MET B 52 -11.87 -53.25 3.13
CA MET B 52 -12.72 -53.39 1.97
C MET B 52 -11.95 -53.84 0.72
N VAL B 53 -11.46 -55.08 0.77
CA VAL B 53 -10.60 -55.61 -0.29
C VAL B 53 -11.05 -57.05 -0.53
N GLU B 54 -10.89 -57.53 -1.77
CA GLU B 54 -11.18 -58.95 -2.09
C GLU B 54 -10.23 -59.92 -1.38
N THR B 55 -8.95 -59.56 -1.28
CA THR B 55 -7.98 -60.50 -0.75
C THR B 55 -7.05 -59.86 0.25
N PRO B 56 -7.46 -59.82 1.52
CA PRO B 56 -6.53 -59.31 2.53
C PRO B 56 -5.30 -60.18 2.58
N TYR B 57 -4.17 -59.57 2.91
CA TYR B 57 -2.93 -60.32 3.05
C TYR B 57 -1.98 -59.60 3.99
N LYS B 58 -0.95 -60.33 4.43
CA LYS B 58 0.13 -59.78 5.25
C LYS B 58 1.42 -59.99 4.49
N ILE B 59 2.38 -59.07 4.66
CA ILE B 59 3.63 -59.15 3.95
C ILE B 59 4.82 -58.65 4.79
N LYS B 60 5.92 -59.40 4.74
CA LYS B 60 7.15 -59.00 5.43
C LYS B 60 7.96 -58.07 4.55
N LEU B 61 8.73 -57.19 5.19
CA LEU B 61 9.65 -56.30 4.48
C LEU B 61 10.49 -57.04 3.41
N SER B 62 11.07 -58.20 3.75
CA SER B 62 11.89 -58.91 2.77
C SER B 62 11.07 -59.27 1.52
N ASP B 63 9.81 -59.61 1.74
CA ASP B 63 8.91 -59.91 0.64
C ASP B 63 8.55 -58.66 -0.19
N ILE B 64 8.36 -57.52 0.46
CA ILE B 64 8.17 -56.27 -0.31
C ILE B 64 9.34 -56.05 -1.27
N MET B 65 10.56 -56.16 -0.75
CA MET B 65 11.78 -55.91 -1.49
C MET B 65 11.97 -56.81 -2.69
N GLU B 66 11.46 -58.03 -2.59
CA GLU B 66 11.64 -59.02 -3.66
C GLU B 66 10.47 -59.03 -4.65
N GLN B 67 9.28 -58.66 -4.18
CA GLN B 67 8.06 -58.87 -4.95
C GLN B 67 7.46 -57.64 -5.66
N PHE B 68 7.85 -56.43 -5.22
CA PHE B 68 7.31 -55.19 -5.79
C PHE B 68 8.40 -54.40 -6.51
N ASP B 69 8.01 -53.58 -7.48
CA ASP B 69 8.94 -52.66 -8.14
C ASP B 69 9.43 -51.63 -7.14
N ILE B 70 10.75 -51.44 -7.09
CA ILE B 70 11.37 -50.52 -6.09
C ILE B 70 11.74 -49.21 -6.78
N TYR B 71 11.42 -48.09 -6.12
CA TYR B 71 11.67 -46.74 -6.62
C TYR B 71 12.46 -45.94 -5.63
N SER B 72 13.17 -44.92 -6.15
CA SER B 72 13.88 -43.96 -5.33
C SER B 72 13.42 -42.58 -5.76
N THR B 73 12.93 -41.80 -4.81
CA THR B 73 12.18 -40.60 -5.16
C THR B 73 12.57 -39.46 -4.22
N PRO B 74 12.95 -38.29 -4.78
CA PRO B 74 13.12 -37.14 -3.89
C PRO B 74 11.78 -36.57 -3.46
N VAL B 75 11.63 -36.33 -2.16
CA VAL B 75 10.39 -35.78 -1.61
C VAL B 75 10.69 -34.84 -0.46
N THR B 76 10.03 -33.69 -0.48
CA THR B 76 10.14 -32.77 0.64
C THR B 76 9.08 -33.10 1.69
N MET B 77 9.53 -33.27 2.93
CA MET B 77 8.60 -33.55 4.03
C MET B 77 8.47 -32.27 4.83
N VAL B 78 7.24 -32.00 5.27
CA VAL B 78 6.99 -30.73 6.01
C VAL B 78 6.08 -31.02 7.20
N CYS B 79 6.43 -30.54 8.40
CA CYS B 79 5.51 -30.71 9.52
C CYS B 79 4.41 -29.64 9.45
N ALA B 80 3.17 -30.04 9.72
CA ALA B 80 2.04 -29.09 9.80
C ALA B 80 2.35 -27.91 10.76
N GLY B 81 3.19 -28.17 11.76
CA GLY B 81 3.53 -27.14 12.74
C GLY B 81 4.58 -26.13 12.28
N ASN B 82 5.17 -26.30 11.08
CA ASN B 82 6.18 -25.32 10.65
C ASN B 82 5.66 -23.88 10.74
N ARG B 83 6.52 -22.98 11.23
CA ARG B 83 6.20 -21.56 11.41
C ARG B 83 5.18 -21.30 12.56
N ARG B 84 5.03 -22.26 13.47
CA ARG B 84 4.10 -22.09 14.60
C ARG B 84 4.56 -20.95 15.52
N LYS B 85 5.86 -20.84 15.80
CA LYS B 85 6.34 -19.82 16.77
C LYS B 85 5.86 -18.42 16.40
N GLU B 86 5.84 -18.14 15.10
CA GLU B 86 5.26 -16.87 14.66
C GLU B 86 3.85 -16.60 15.20
N GLN B 87 3.00 -17.62 15.17
CA GLN B 87 1.66 -17.48 15.70
C GLN B 87 1.70 -17.35 17.22
N ASN B 88 2.59 -18.09 17.86
CA ASN B 88 2.68 -18.10 19.33
C ASN B 88 3.04 -16.70 19.86
N MET B 89 3.80 -15.94 19.06
CA MET B 89 4.18 -14.55 19.44
C MET B 89 2.97 -13.63 19.49
N VAL B 90 1.96 -13.95 18.67
CA VAL B 90 0.72 -13.19 18.58
C VAL B 90 -0.22 -13.59 19.71
N LYS B 91 -0.44 -14.90 19.87
CA LYS B 91 -1.26 -15.44 20.95
C LYS B 91 -0.74 -16.81 21.28
N LYS B 92 -0.35 -16.99 22.56
CA LYS B 92 0.21 -18.27 23.02
C LYS B 92 -0.75 -19.40 22.84
N GLY B 93 -0.20 -20.53 22.43
CA GLY B 93 -0.99 -21.71 22.24
C GLY B 93 -0.15 -22.91 22.60
N ALA B 94 -0.77 -24.07 22.44
CA ALA B 94 -0.12 -25.33 22.70
C ALA B 94 0.76 -25.71 21.51
N GLY B 95 1.77 -26.51 21.76
CA GLY B 95 2.51 -27.13 20.67
C GLY B 95 3.91 -26.59 20.60
N PHE B 96 4.79 -27.44 20.07
CA PHE B 96 6.20 -27.11 19.93
C PHE B 96 6.34 -25.87 19.03
N ASN B 97 7.17 -24.91 19.47
CA ASN B 97 7.36 -23.66 18.74
C ASN B 97 8.37 -23.76 17.58
N TRP B 98 7.96 -24.44 16.50
CA TRP B 98 8.77 -24.52 15.28
C TRP B 98 9.12 -23.14 14.76
N GLY B 99 10.35 -23.00 14.31
CA GLY B 99 10.75 -21.86 13.49
C GLY B 99 10.26 -22.09 12.05
N ALA B 100 11.16 -21.90 11.09
CA ALA B 100 10.80 -22.09 9.69
C ALA B 100 11.45 -23.31 9.09
N ALA B 101 12.19 -24.05 9.92
CA ALA B 101 12.94 -25.22 9.40
C ALA B 101 12.32 -26.56 9.72
N GLY B 102 11.00 -26.59 9.98
CA GLY B 102 10.28 -27.85 10.19
C GLY B 102 9.98 -28.53 8.84
N THR B 103 11.02 -28.68 8.02
CA THR B 103 10.96 -29.32 6.70
C THR B 103 12.32 -29.93 6.39
N SER B 104 12.32 -31.03 5.64
CA SER B 104 13.58 -31.64 5.22
C SER B 104 13.26 -32.44 3.97
N THR B 105 14.26 -32.55 3.08
CA THR B 105 14.04 -33.20 1.79
C THR B 105 15.02 -34.37 1.64
N SER B 106 14.51 -35.50 1.15
CA SER B 106 15.32 -36.73 1.09
C SER B 106 14.97 -37.54 -0.13
N LEU B 107 15.91 -38.38 -0.53
CA LEU B 107 15.59 -39.50 -1.42
C LEU B 107 15.02 -40.65 -0.60
N TRP B 108 13.80 -41.05 -0.93
CA TRP B 108 13.18 -42.17 -0.25
C TRP B 108 13.12 -43.36 -1.19
N THR B 109 13.43 -44.53 -0.63
CA THR B 109 13.47 -45.76 -1.45
C THR B 109 12.52 -46.80 -0.89
N GLY B 110 11.76 -47.42 -1.79
CA GLY B 110 10.74 -48.39 -1.38
C GLY B 110 9.76 -48.66 -2.50
N CYS B 111 8.59 -49.17 -2.13
CA CYS B 111 7.58 -49.53 -3.12
C CYS B 111 6.46 -48.46 -3.18
N MET B 112 5.60 -48.57 -4.20
CA MET B 112 4.40 -47.71 -4.30
C MET B 112 3.30 -48.26 -3.40
N LEU B 113 2.68 -47.40 -2.59
CA LEU B 113 1.59 -47.87 -1.72
C LEU B 113 0.43 -48.37 -2.58
N GLY B 114 0.21 -47.73 -3.72
CA GLY B 114 -0.85 -48.11 -4.62
C GLY B 114 -0.64 -49.52 -5.17
N ASP B 115 0.61 -49.93 -5.33
CA ASP B 115 0.86 -51.33 -5.79
C ASP B 115 0.48 -52.33 -4.70
N VAL B 116 0.79 -51.99 -3.45
CA VAL B 116 0.54 -52.86 -2.33
C VAL B 116 -0.97 -52.99 -2.10
N ILE B 117 -1.67 -51.86 -2.17
CA ILE B 117 -3.13 -51.88 -1.98
C ILE B 117 -3.83 -52.58 -3.14
N GLY B 118 -3.36 -52.29 -4.36
CA GLY B 118 -3.90 -52.83 -5.60
C GLY B 118 -3.91 -54.35 -5.59
N LYS B 119 -2.85 -54.94 -5.03
CA LYS B 119 -2.74 -56.41 -4.95
C LYS B 119 -3.91 -57.05 -4.17
N ALA B 120 -4.48 -56.33 -3.19
CA ALA B 120 -5.60 -56.81 -2.39
C ALA B 120 -6.95 -56.63 -3.07
N ARG B 121 -6.97 -55.85 -4.14
CA ARG B 121 -8.16 -55.55 -4.98
C ARG B 121 -9.26 -54.83 -4.21
N PRO B 122 -9.09 -53.49 -3.99
CA PRO B 122 -10.08 -52.76 -3.19
C PRO B 122 -11.48 -52.70 -3.81
N SER B 123 -12.48 -52.66 -2.92
CA SER B 123 -13.87 -52.49 -3.29
C SER B 123 -14.09 -51.22 -4.11
N LYS B 124 -15.08 -51.26 -5.01
CA LYS B 124 -15.51 -50.07 -5.74
C LYS B 124 -15.99 -48.94 -4.83
N ARG B 125 -16.47 -49.29 -3.66
CA ARG B 125 -17.00 -48.33 -2.71
C ARG B 125 -15.93 -47.73 -1.80
N ALA B 126 -14.72 -48.28 -1.89
CA ALA B 126 -13.60 -47.83 -1.05
C ALA B 126 -13.22 -46.40 -1.46
N ARG B 127 -12.89 -45.58 -0.45
CA ARG B 127 -12.48 -44.18 -0.70
C ARG B 127 -11.19 -43.81 0.03
N PHE B 128 -10.86 -44.54 1.11
CA PHE B 128 -9.71 -44.18 1.96
C PHE B 128 -8.85 -45.36 2.31
N VAL B 129 -7.59 -45.07 2.63
CA VAL B 129 -6.68 -46.07 3.16
C VAL B 129 -6.27 -45.58 4.53
N TRP B 130 -6.65 -46.33 5.58
CA TRP B 130 -6.19 -46.01 6.94
C TRP B 130 -4.78 -46.59 7.13
N MET B 131 -3.95 -45.84 7.85
CA MET B 131 -2.58 -46.27 8.16
C MET B 131 -2.40 -46.25 9.66
N GLU B 132 -1.85 -47.34 10.22
CA GLU B 132 -1.64 -47.40 11.66
C GLU B 132 -0.20 -47.77 12.00
N GLY B 133 0.36 -47.06 12.96
CA GLY B 133 1.76 -47.28 13.36
C GLY B 133 1.87 -48.21 14.55
N ALA B 134 3.10 -48.65 14.81
CA ALA B 134 3.41 -49.55 15.95
C ALA B 134 3.71 -48.81 17.24
N ASP B 135 3.71 -47.48 17.20
CA ASP B 135 4.02 -46.68 18.41
C ASP B 135 2.82 -46.68 19.34
N ASN B 136 3.03 -46.24 20.58
CA ASN B 136 1.95 -46.19 21.55
C ASN B 136 2.01 -44.89 22.36
N PRO B 137 1.72 -43.74 21.70
CA PRO B 137 1.73 -42.49 22.44
C PRO B 137 0.54 -42.38 23.40
N ALA B 138 0.35 -41.22 24.03
CA ALA B 138 -0.60 -41.12 25.16
C ALA B 138 -2.00 -41.66 24.89
N ASN B 139 -2.48 -41.51 23.65
CA ASN B 139 -3.85 -41.93 23.31
C ASN B 139 -3.92 -43.16 22.43
N GLY B 140 -2.90 -44.01 22.53
CA GLY B 140 -2.90 -45.28 21.81
C GLY B 140 -2.16 -45.14 20.50
N ALA B 141 -2.24 -46.18 19.67
CA ALA B 141 -1.48 -46.25 18.40
C ALA B 141 -1.74 -45.03 17.53
N TYR B 142 -0.71 -44.50 16.89
CA TYR B 142 -0.89 -43.37 15.97
C TYR B 142 -1.46 -43.89 14.66
N GLY B 143 -2.52 -43.24 14.18
CA GLY B 143 -3.10 -43.66 12.93
C GLY B 143 -3.80 -42.48 12.27
N THR B 144 -3.85 -42.57 10.95
CA THR B 144 -4.57 -41.59 10.16
C THR B 144 -4.95 -42.21 8.85
N CYS B 145 -5.11 -41.42 7.80
CA CYS B 145 -5.58 -41.97 6.53
C CYS B 145 -5.19 -41.06 5.36
N ILE B 146 -5.36 -41.58 4.16
CA ILE B 146 -5.17 -40.83 2.92
C ILE B 146 -6.18 -41.32 1.89
N ARG B 147 -6.59 -40.46 0.94
CA ARG B 147 -7.54 -40.93 -0.09
C ARG B 147 -6.97 -42.08 -0.94
N LEU B 148 -7.83 -43.05 -1.21
CA LEU B 148 -7.42 -44.19 -2.03
C LEU B 148 -6.99 -43.78 -3.44
N SER B 149 -7.76 -42.88 -4.05
CA SER B 149 -7.44 -42.49 -5.41
C SER B 149 -6.05 -41.84 -5.48
N TRP B 150 -5.61 -41.16 -4.40
CA TRP B 150 -4.27 -40.57 -4.38
C TRP B 150 -3.18 -41.67 -4.36
N CYS B 151 -3.44 -42.78 -3.68
CA CYS B 151 -2.52 -43.92 -3.70
C CYS B 151 -2.36 -44.51 -5.11
N MET B 152 -3.42 -44.43 -5.90
CA MET B 152 -3.41 -45.00 -7.24
C MET B 152 -2.91 -44.02 -8.32
N ASP B 153 -2.60 -42.80 -7.91
CA ASP B 153 -2.20 -41.75 -8.84
C ASP B 153 -0.67 -41.68 -8.99
N PRO B 154 -0.11 -42.00 -10.18
CA PRO B 154 1.36 -41.96 -10.29
C PRO B 154 1.98 -40.58 -10.09
N GLU B 155 1.21 -39.50 -10.33
CA GLU B 155 1.76 -38.16 -10.13
C GLU B 155 2.01 -37.90 -8.64
N ARG B 156 1.35 -38.64 -7.76
CA ARG B 156 1.45 -38.38 -6.30
C ARG B 156 2.54 -39.23 -5.64
N CYS B 157 2.91 -40.31 -6.31
CA CYS B 157 4.05 -41.16 -5.93
C CYS B 157 4.05 -41.50 -4.43
N ILE B 158 2.91 -41.96 -3.89
CA ILE B 158 2.86 -42.33 -2.46
C ILE B 158 3.60 -43.64 -2.26
N MET B 159 4.57 -43.63 -1.34
CA MET B 159 5.49 -44.78 -1.15
C MET B 159 5.39 -45.45 0.22
N ILE B 160 5.79 -46.73 0.27
CA ILE B 160 6.18 -47.30 1.55
C ILE B 160 7.69 -47.45 1.48
N ALA B 161 8.40 -46.65 2.29
CA ALA B 161 9.86 -46.54 2.21
C ALA B 161 10.57 -47.27 3.35
N TYR B 162 11.74 -47.82 3.02
CA TYR B 162 12.60 -48.47 4.04
C TYR B 162 14.03 -47.93 4.04
N GLN B 163 14.31 -47.04 3.11
CA GLN B 163 15.58 -46.32 3.12
C GLN B 163 15.37 -44.83 2.89
N GLN B 164 16.26 -44.05 3.47
CA GLN B 164 16.23 -42.57 3.40
C GLN B 164 17.65 -42.13 3.08
N ASN B 165 17.81 -41.44 1.94
CA ASN B 165 19.14 -41.06 1.39
C ASN B 165 20.04 -42.30 1.30
N GLY B 166 19.43 -43.44 0.98
CA GLY B 166 20.17 -44.67 0.76
C GLY B 166 20.52 -45.45 2.01
N GLU B 167 20.21 -44.91 3.19
CA GLU B 167 20.46 -45.63 4.46
C GLU B 167 19.18 -46.28 4.94
N TRP B 168 19.31 -47.47 5.53
CA TRP B 168 18.18 -48.06 6.28
C TRP B 168 17.62 -47.05 7.28
N LEU B 169 16.30 -46.98 7.42
CA LEU B 169 15.73 -45.89 8.25
C LEU B 169 16.27 -45.98 9.68
N HIS B 170 16.48 -44.81 10.29
CA HIS B 170 16.76 -44.70 11.71
C HIS B 170 15.46 -44.85 12.53
N PRO B 171 15.56 -45.30 13.79
CA PRO B 171 14.33 -45.43 14.63
C PRO B 171 13.45 -44.16 14.64
N ASP B 172 14.06 -42.99 14.82
CA ASP B 172 13.33 -41.70 14.83
C ASP B 172 12.57 -41.42 13.52
N HIS B 173 13.00 -42.03 12.41
CA HIS B 173 12.36 -41.82 11.10
C HIS B 173 11.52 -42.97 10.62
N GLY B 174 11.22 -43.91 11.53
CA GLY B 174 10.21 -44.93 11.24
C GLY B 174 10.72 -46.33 11.07
N LYS B 175 11.99 -46.58 11.42
CA LYS B 175 12.57 -47.92 11.21
C LYS B 175 11.64 -49.07 11.65
N PRO B 176 11.43 -50.10 10.79
CA PRO B 176 12.05 -50.33 9.48
C PRO B 176 11.23 -49.88 8.27
N LEU B 177 10.04 -49.32 8.49
CA LEU B 177 9.14 -49.08 7.35
C LEU B 177 8.18 -47.93 7.67
N ARG B 178 8.00 -47.03 6.70
CA ARG B 178 7.01 -45.96 6.87
C ARG B 178 6.28 -45.67 5.57
N VAL B 179 5.19 -44.90 5.67
CA VAL B 179 4.58 -44.35 4.45
C VAL B 179 5.20 -42.96 4.29
N VAL B 180 5.46 -42.59 3.04
CA VAL B 180 5.88 -41.22 2.67
C VAL B 180 4.85 -40.73 1.67
N ILE B 181 4.22 -39.61 2.00
CA ILE B 181 3.14 -39.08 1.17
C ILE B 181 3.56 -37.70 0.65
N PRO B 182 4.07 -37.63 -0.59
CA PRO B 182 4.52 -36.32 -1.15
C PRO B 182 3.43 -35.23 -1.20
N GLY B 183 3.84 -33.98 -0.99
CA GLY B 183 2.88 -32.89 -1.19
C GLY B 183 1.88 -32.73 -0.06
N VAL B 184 2.05 -33.51 1.02
CA VAL B 184 1.07 -33.61 2.13
C VAL B 184 1.82 -33.45 3.45
N ILE B 185 1.18 -32.87 4.47
CA ILE B 185 1.89 -32.70 5.79
C ILE B 185 2.47 -34.03 6.32
N GLY B 186 3.55 -33.89 7.06
CA GLY B 186 4.28 -35.06 7.59
C GLY B 186 3.37 -35.98 8.41
N GLY B 187 2.34 -35.39 9.02
CA GLY B 187 1.38 -36.13 9.86
C GLY B 187 0.73 -37.36 9.24
N ARG B 188 0.61 -37.39 7.91
CA ARG B 188 0.02 -38.52 7.21
C ARG B 188 1.02 -39.57 6.79
N SER B 189 2.30 -39.25 6.95
CA SER B 189 3.41 -40.17 6.57
C SER B 189 3.73 -41.06 7.77
N VAL B 190 2.87 -42.05 7.98
CA VAL B 190 2.88 -42.88 9.19
C VAL B 190 4.16 -43.71 9.29
N LYS B 191 4.83 -43.56 10.43
CA LYS B 191 6.08 -44.28 10.72
C LYS B 191 5.78 -45.61 11.43
N TRP B 192 6.73 -46.55 11.37
CA TRP B 192 6.62 -47.86 12.04
C TRP B 192 5.31 -48.53 11.62
N LEU B 193 5.07 -48.54 10.31
CA LEU B 193 3.80 -48.91 9.76
C LEU B 193 3.49 -50.39 10.03
N LYS B 194 2.30 -50.65 10.59
CA LYS B 194 1.86 -52.02 10.89
C LYS B 194 0.63 -52.49 10.12
N LYS B 195 -0.25 -51.55 9.77
CA LYS B 195 -1.55 -51.90 9.26
C LYS B 195 -2.04 -50.88 8.25
N LEU B 196 -2.59 -51.41 7.17
CA LEU B 196 -3.28 -50.65 6.12
C LEU B 196 -4.71 -51.19 6.00
N VAL B 197 -5.69 -50.32 6.28
CA VAL B 197 -7.11 -50.71 6.21
C VAL B 197 -7.86 -49.90 5.15
N VAL B 198 -8.35 -50.60 4.13
CA VAL B 198 -9.09 -49.96 3.05
C VAL B 198 -10.53 -49.75 3.54
N SER B 199 -11.00 -48.51 3.47
CA SER B 199 -12.34 -48.15 3.96
C SER B 199 -13.07 -47.16 3.06
N ASP B 200 -14.35 -46.92 3.39
CA ASP B 200 -15.20 -46.03 2.61
C ASP B 200 -15.34 -44.66 3.29
N ARG B 201 -14.63 -44.47 4.40
CA ARG B 201 -14.75 -43.28 5.27
C ARG B 201 -13.37 -42.95 5.85
N PRO B 202 -13.19 -41.72 6.36
CA PRO B 202 -11.89 -41.37 6.95
C PRO B 202 -11.60 -42.19 8.22
N SER B 203 -10.34 -42.18 8.62
CA SER B 203 -9.88 -42.75 9.88
C SER B 203 -10.70 -42.25 11.07
N GLU B 204 -10.90 -43.15 12.05
CA GLU B 204 -11.56 -42.80 13.31
C GLU B 204 -10.57 -42.86 14.48
N ASN B 205 -9.28 -42.84 14.15
CA ASN B 205 -8.21 -42.82 15.14
C ASN B 205 -8.19 -41.49 15.91
N TRP B 206 -7.91 -41.56 17.21
CA TRP B 206 -7.86 -40.36 18.08
C TRP B 206 -7.00 -39.25 17.44
N TYR B 207 -5.84 -39.63 16.91
CA TYR B 207 -4.90 -38.68 16.36
C TYR B 207 -5.40 -38.13 15.04
N HIS B 208 -6.23 -38.89 14.33
CA HIS B 208 -6.86 -38.31 13.14
C HIS B 208 -7.84 -37.15 13.46
N TYR B 209 -8.53 -37.25 14.60
CA TYR B 209 -9.41 -36.15 15.01
C TYR B 209 -8.68 -35.01 15.65
N PHE B 210 -7.88 -35.31 16.67
CA PHE B 210 -7.46 -34.28 17.61
C PHE B 210 -6.08 -33.71 17.35
N ASP B 211 -5.58 -33.93 16.14
CA ASP B 211 -4.35 -33.35 15.70
C ASP B 211 -4.46 -33.02 14.20
N ASN B 212 -3.51 -32.21 13.75
CA ASN B 212 -3.30 -31.96 12.28
C ASN B 212 -4.56 -31.43 11.59
N ARG B 213 -5.17 -30.40 12.22
CA ARG B 213 -6.35 -29.72 11.67
C ARG B 213 -6.14 -28.21 11.78
N VAL B 214 -6.60 -27.46 10.77
CA VAL B 214 -6.63 -25.99 10.83
C VAL B 214 -8.09 -25.65 11.14
N LEU B 215 -8.40 -25.46 12.42
CA LEU B 215 -9.76 -25.08 12.78
C LEU B 215 -10.05 -23.62 12.33
N PRO B 216 -11.33 -23.31 12.04
CA PRO B 216 -11.67 -21.94 11.64
C PRO B 216 -11.14 -20.92 12.65
N THR B 217 -10.70 -19.76 12.16
CA THR B 217 -9.95 -18.82 13.01
C THR B 217 -10.73 -18.29 14.20
N MET B 218 -12.06 -18.26 14.09
CA MET B 218 -12.86 -17.68 15.18
C MET B 218 -13.12 -18.73 16.28
N VAL B 219 -12.67 -19.97 16.07
CA VAL B 219 -12.85 -21.01 17.11
C VAL B 219 -11.73 -20.84 18.10
N THR B 220 -12.08 -20.57 19.35
CA THR B 220 -11.10 -20.37 20.40
C THR B 220 -10.64 -21.70 20.95
N PRO B 221 -9.50 -21.72 21.63
CA PRO B 221 -9.03 -22.92 22.34
C PRO B 221 -10.10 -23.47 23.32
N GLU B 222 -10.81 -22.56 23.98
CA GLU B 222 -11.89 -22.93 24.89
C GLU B 222 -13.03 -23.65 24.18
N MET B 223 -13.47 -23.11 23.04
CA MET B 223 -14.47 -23.76 22.18
C MET B 223 -14.03 -25.13 21.69
N ALA B 224 -12.76 -25.24 21.31
CA ALA B 224 -12.22 -26.47 20.76
C ALA B 224 -12.05 -27.50 21.87
N LYS B 225 -11.77 -27.05 23.10
CA LYS B 225 -11.68 -27.97 24.24
C LYS B 225 -13.06 -28.49 24.68
N SER B 226 -14.06 -27.62 24.62
CA SER B 226 -15.43 -27.92 25.10
C SER B 226 -16.29 -28.73 24.14
N ASP B 227 -16.04 -28.58 22.86
CA ASP B 227 -16.89 -29.16 21.85
C ASP B 227 -16.08 -29.97 20.85
N ASP B 228 -16.08 -31.30 21.03
CA ASP B 228 -15.36 -32.26 20.18
C ASP B 228 -15.74 -32.20 18.70
N ARG B 229 -16.95 -31.74 18.42
CA ARG B 229 -17.45 -31.69 17.04
C ARG B 229 -16.56 -30.87 16.10
N TRP B 230 -15.88 -29.87 16.65
CA TRP B 230 -14.93 -29.05 15.87
C TRP B 230 -13.83 -29.89 15.21
N TRP B 231 -13.54 -31.06 15.80
CA TRP B 231 -12.42 -31.91 15.38
C TRP B 231 -12.87 -33.08 14.49
N LYS B 232 -14.17 -33.14 14.17
CA LYS B 232 -14.75 -34.25 13.41
C LYS B 232 -15.32 -33.82 12.05
N ASP B 233 -14.96 -32.61 11.61
CA ASP B 233 -15.39 -32.11 10.30
C ASP B 233 -14.20 -32.20 9.35
N GLU B 234 -14.24 -33.14 8.40
CA GLU B 234 -13.08 -33.41 7.50
C GLU B 234 -12.58 -32.16 6.73
N ARG B 235 -13.46 -31.17 6.57
CA ARG B 235 -13.08 -29.94 5.83
C ARG B 235 -11.92 -29.20 6.51
N TYR B 236 -11.64 -29.53 7.78
CA TYR B 236 -10.58 -28.84 8.54
C TYR B 236 -9.31 -29.71 8.74
N ALA B 237 -9.41 -30.97 8.37
CA ALA B 237 -8.27 -31.89 8.41
C ALA B 237 -7.26 -31.54 7.32
N ILE B 238 -5.98 -31.48 7.69
CA ILE B 238 -4.92 -31.06 6.73
C ILE B 238 -4.46 -32.27 5.91
N TYR B 239 -4.47 -32.09 4.59
CA TYR B 239 -3.73 -33.05 3.72
C TYR B 239 -2.68 -32.35 2.87
N ASP B 240 -3.07 -31.83 1.69
CA ASP B 240 -2.11 -31.14 0.84
C ASP B 240 -1.56 -29.92 1.57
N LEU B 241 -0.27 -29.66 1.43
CA LEU B 241 0.36 -28.47 2.04
C LEU B 241 -0.18 -27.20 1.39
N ASN B 242 -0.14 -26.09 2.15
CA ASN B 242 -0.32 -24.80 1.50
C ASN B 242 1.06 -24.23 1.07
N LEU B 243 1.03 -23.07 0.41
CA LEU B 243 2.23 -22.55 -0.25
C LEU B 243 3.05 -21.79 0.77
N GLN B 244 4.33 -22.11 0.88
CA GLN B 244 5.29 -21.35 1.74
C GLN B 244 6.53 -20.84 0.96
N THR B 245 6.96 -19.61 1.28
CA THR B 245 8.29 -19.15 0.86
C THR B 245 9.02 -18.56 2.07
N ILE B 246 10.31 -18.88 2.20
CA ILE B 246 11.08 -18.49 3.39
C ILE B 246 12.35 -17.81 2.93
N ILE B 247 12.73 -16.70 3.59
CA ILE B 247 14.00 -16.03 3.31
C ILE B 247 15.06 -16.66 4.23
N CYS B 248 16.19 -17.07 3.65
CA CYS B 248 17.30 -17.63 4.40
C CYS B 248 18.55 -16.74 4.37
N LYS B 249 18.68 -15.90 3.35
CA LYS B 249 19.76 -14.95 3.21
C LYS B 249 19.13 -13.62 2.90
N PRO B 250 19.44 -12.57 3.70
CA PRO B 250 20.39 -12.56 4.84
C PRO B 250 19.91 -13.37 6.03
N GLU B 251 20.86 -13.80 6.85
CA GLU B 251 20.55 -14.58 8.03
C GLU B 251 20.14 -13.69 9.18
N ASN B 252 19.51 -14.27 10.18
CA ASN B 252 19.15 -13.50 11.38
C ASN B 252 20.38 -12.88 12.05
N GLN B 253 20.28 -11.57 12.33
CA GLN B 253 21.34 -10.71 12.93
C GLN B 253 22.58 -10.47 12.03
N GLN B 254 22.49 -10.90 10.76
CA GLN B 254 23.57 -10.61 9.80
C GLN B 254 23.72 -9.11 9.63
N VAL B 255 24.97 -8.64 9.61
CA VAL B 255 25.26 -7.24 9.42
C VAL B 255 26.03 -7.08 8.12
N ILE B 256 25.62 -6.11 7.30
CA ILE B 256 26.23 -5.89 5.99
C ILE B 256 26.54 -4.42 5.75
N LYS B 257 27.79 -4.12 5.36
CA LYS B 257 28.17 -2.74 5.04
C LYS B 257 27.43 -2.22 3.80
N ILE B 258 26.88 -1.02 3.89
CA ILE B 258 26.26 -0.39 2.74
C ILE B 258 27.36 -0.01 1.74
N SER B 259 27.17 -0.37 0.47
CA SER B 259 28.16 -0.08 -0.57
C SER B 259 27.47 -0.06 -1.93
N GLU B 260 28.27 0.06 -2.99
CA GLU B 260 27.74 0.03 -4.36
C GLU B 260 27.42 -1.41 -4.78
N ASP B 261 27.71 -2.37 -3.91
CA ASP B 261 27.52 -3.78 -4.25
C ASP B 261 26.06 -4.18 -4.19
N GLU B 262 25.72 -5.21 -4.95
CA GLU B 262 24.44 -5.91 -4.81
C GLU B 262 24.54 -6.99 -3.72
N TYR B 263 23.41 -7.32 -3.13
CA TYR B 263 23.30 -8.44 -2.21
C TYR B 263 22.28 -9.44 -2.79
N GLU B 264 22.58 -10.73 -2.74
CA GLU B 264 21.68 -11.77 -3.24
C GLU B 264 20.75 -12.31 -2.13
N ILE B 265 19.55 -11.74 -2.05
CA ILE B 265 18.50 -12.28 -1.17
C ILE B 265 18.17 -13.70 -1.67
N ALA B 266 18.00 -14.63 -0.76
CA ALA B 266 17.76 -16.02 -1.17
C ALA B 266 16.95 -16.82 -0.18
N GLY B 267 16.34 -17.88 -0.69
CA GLY B 267 15.60 -18.76 0.22
C GLY B 267 15.05 -19.96 -0.52
N PHE B 268 14.01 -20.57 0.07
CA PHE B 268 13.34 -21.72 -0.52
C PHE B 268 11.82 -21.54 -0.49
N GLY B 269 11.13 -22.42 -1.19
CA GLY B 269 9.67 -22.41 -1.19
C GLY B 269 9.19 -23.86 -1.36
N TYR B 270 8.00 -24.12 -0.87
CA TYR B 270 7.36 -25.45 -1.12
C TYR B 270 5.85 -25.30 -1.19
N ASN B 271 5.18 -26.36 -1.64
CA ASN B 271 3.73 -26.25 -1.90
C ASN B 271 3.15 -27.65 -1.90
N GLY B 272 1.84 -27.72 -1.79
CA GLY B 272 1.17 -29.04 -1.73
C GLY B 272 0.61 -29.54 -3.04
N GLY B 273 0.20 -30.82 -3.01
CA GLY B 273 -0.60 -31.40 -4.08
C GLY B 273 0.17 -31.59 -5.38
N GLY B 274 1.49 -31.43 -5.34
CA GLY B 274 2.33 -31.52 -6.58
C GLY B 274 2.24 -30.29 -7.49
N VAL B 275 1.66 -29.19 -6.99
CA VAL B 275 1.47 -27.99 -7.81
C VAL B 275 2.71 -27.07 -7.73
N ARG B 276 3.25 -26.74 -8.90
CA ARG B 276 4.48 -25.95 -8.99
C ARG B 276 4.25 -24.52 -8.50
N ILE B 277 5.27 -23.99 -7.80
CA ILE B 277 5.29 -22.57 -7.50
C ILE B 277 5.74 -21.88 -8.76
N GLY B 278 4.89 -21.01 -9.31
CA GLY B 278 5.15 -20.42 -10.62
C GLY B 278 5.93 -19.14 -10.51
N ARG B 279 5.83 -18.46 -9.36
CA ARG B 279 6.54 -17.17 -9.20
C ARG B 279 6.80 -16.93 -7.71
N ILE B 280 7.96 -16.36 -7.42
CA ILE B 280 8.33 -15.94 -6.07
C ILE B 280 8.72 -14.47 -6.17
N GLU B 281 8.09 -13.66 -5.33
CA GLU B 281 8.16 -12.21 -5.45
C GLU B 281 8.61 -11.62 -4.14
N VAL B 282 9.42 -10.57 -4.24
CA VAL B 282 10.01 -9.98 -3.07
C VAL B 282 9.66 -8.49 -3.09
N SER B 283 9.24 -7.95 -1.95
CA SER B 283 9.00 -6.49 -1.86
C SER B 283 9.91 -5.84 -0.82
N LEU B 284 10.44 -4.67 -1.17
CA LEU B 284 11.25 -3.87 -0.23
C LEU B 284 10.49 -2.63 0.25
N ASP B 285 9.25 -2.49 -0.20
CA ASP B 285 8.41 -1.30 0.10
C ASP B 285 7.02 -1.67 0.66
N LYS B 286 6.99 -2.75 1.43
CA LYS B 286 5.80 -3.13 2.21
C LYS B 286 4.63 -3.53 1.32
N GLY B 287 4.95 -4.08 0.14
CA GLY B 287 3.93 -4.68 -0.69
C GLY B 287 3.39 -3.73 -1.74
N LYS B 288 3.93 -2.52 -1.80
CA LYS B 288 3.55 -1.55 -2.85
C LYS B 288 4.06 -1.93 -4.25
N SER B 289 5.30 -2.43 -4.33
CA SER B 289 5.82 -3.03 -5.58
C SER B 289 6.54 -4.35 -5.26
N TRP B 290 6.65 -5.21 -6.27
CA TRP B 290 7.20 -6.55 -6.11
C TRP B 290 8.25 -6.82 -7.20
N LYS B 291 9.28 -7.59 -6.86
CA LYS B 291 10.37 -7.91 -7.78
C LYS B 291 10.34 -9.40 -8.01
N LEU B 292 10.54 -9.81 -9.26
CA LEU B 292 10.48 -11.26 -9.58
C LEU B 292 11.80 -11.97 -9.29
N ALA B 293 11.78 -12.94 -8.38
CA ALA B 293 12.97 -13.73 -8.08
C ALA B 293 13.22 -14.80 -9.14
N ASP B 294 14.47 -15.27 -9.22
CA ASP B 294 14.82 -16.40 -10.08
C ASP B 294 14.65 -17.69 -9.31
N ILE B 295 13.91 -18.65 -9.85
CA ILE B 295 13.67 -19.91 -9.16
C ILE B 295 14.45 -21.05 -9.81
N ASP B 296 15.12 -21.84 -8.97
CA ASP B 296 15.77 -23.08 -9.37
C ASP B 296 14.95 -24.25 -8.81
N TYR B 297 14.63 -25.23 -9.69
CA TYR B 297 13.83 -26.40 -9.28
C TYR B 297 14.70 -27.62 -9.46
N PRO B 298 15.50 -27.99 -8.45
CA PRO B 298 16.42 -29.11 -8.65
C PRO B 298 15.73 -30.41 -9.01
N GLU B 299 14.47 -30.57 -8.59
CA GLU B 299 13.75 -31.79 -8.95
C GLU B 299 13.66 -31.94 -10.46
N ASP B 300 13.66 -30.82 -11.20
CA ASP B 300 13.55 -30.88 -12.66
C ASP B 300 14.79 -31.49 -13.30
N ARG B 301 15.93 -31.39 -12.61
CA ARG B 301 17.16 -32.07 -13.10
C ARG B 301 16.99 -33.57 -13.08
N TYR B 302 16.36 -34.11 -12.04
CA TYR B 302 16.05 -35.54 -11.98
C TYR B 302 15.02 -35.90 -13.06
N ARG B 303 14.07 -34.98 -13.29
CA ARG B 303 13.02 -35.19 -14.31
C ARG B 303 13.63 -35.31 -15.70
N GLU B 304 14.61 -34.46 -15.97
CA GLU B 304 15.27 -34.38 -17.28
C GLU B 304 16.25 -35.52 -17.51
N ALA B 305 16.67 -36.20 -16.46
CA ALA B 305 17.69 -37.28 -16.58
C ALA B 305 17.18 -38.61 -17.15
N GLY B 306 15.88 -38.74 -17.35
CA GLY B 306 15.27 -40.02 -17.71
C GLY B 306 15.39 -41.05 -16.59
N TYR B 307 15.41 -42.32 -16.96
CA TYR B 307 15.45 -43.39 -15.97
C TYR B 307 16.88 -43.68 -15.54
N PHE B 308 17.05 -43.86 -14.24
CA PHE B 308 18.34 -44.32 -13.67
C PHE B 308 18.07 -44.89 -12.30
N ARG B 309 19.01 -45.66 -11.73
CA ARG B 309 18.75 -46.27 -10.43
C ARG B 309 19.66 -45.68 -9.35
N LEU B 310 19.09 -45.48 -8.17
CA LEU B 310 19.86 -45.08 -7.01
C LEU B 310 19.45 -46.00 -5.87
N PHE B 311 20.43 -46.53 -5.14
CA PHE B 311 20.15 -47.42 -4.01
C PHE B 311 19.25 -48.61 -4.37
N GLY B 312 19.39 -49.13 -5.59
CA GLY B 312 18.61 -50.27 -6.03
C GLY B 312 17.16 -49.92 -6.41
N GLY B 313 16.82 -48.63 -6.43
CA GLY B 313 15.48 -48.21 -6.82
C GLY B 313 15.44 -47.34 -8.06
N LEU B 314 14.40 -47.48 -8.86
CA LEU B 314 14.24 -46.71 -10.06
C LEU B 314 13.88 -45.26 -9.75
N VAL B 315 14.64 -44.33 -10.31
CA VAL B 315 14.28 -42.90 -10.23
C VAL B 315 13.46 -42.63 -11.50
N ASN B 316 12.18 -42.26 -11.30
CA ASN B 316 11.26 -42.06 -12.44
C ASN B 316 10.53 -40.74 -12.31
N VAL B 317 11.25 -39.75 -11.78
CA VAL B 317 10.74 -38.38 -11.80
C VAL B 317 10.32 -38.01 -13.26
N CYS B 318 11.07 -38.54 -14.22
CA CYS B 318 10.82 -38.29 -15.64
C CYS B 318 9.42 -38.68 -16.12
N ASP B 319 8.75 -39.57 -15.39
CA ASP B 319 7.39 -40.02 -15.75
C ASP B 319 6.33 -39.04 -15.25
N ARG B 320 6.72 -38.07 -14.41
CA ARG B 320 5.74 -37.19 -13.75
C ARG B 320 5.89 -35.74 -14.20
N MET B 321 4.81 -34.97 -14.01
CA MET B 321 4.88 -33.52 -14.17
C MET B 321 4.79 -32.79 -12.82
N SER B 322 4.37 -33.52 -11.80
CA SER B 322 4.20 -32.91 -10.46
C SER B 322 5.52 -32.43 -9.85
N CYS B 323 5.40 -31.45 -8.95
CA CYS B 323 6.53 -30.96 -8.18
C CYS B 323 6.33 -31.42 -6.75
N LEU B 324 7.12 -32.40 -6.35
CA LEU B 324 6.97 -33.04 -5.05
C LEU B 324 8.05 -32.58 -4.09
N CYS B 325 8.88 -31.63 -4.55
CA CYS B 325 10.02 -31.14 -3.76
C CYS B 325 10.04 -29.61 -3.72
N TRP B 326 10.75 -29.11 -2.74
CA TRP B 326 10.95 -27.67 -2.62
C TRP B 326 11.75 -27.13 -3.78
N CYS B 327 11.73 -25.80 -3.90
CA CYS B 327 12.56 -25.10 -4.88
C CYS B 327 13.33 -24.00 -4.17
N PHE B 328 14.34 -23.45 -4.85
CA PHE B 328 15.20 -22.42 -4.27
C PHE B 328 15.10 -21.15 -5.08
N TRP B 329 15.21 -20.00 -4.43
CA TRP B 329 15.08 -18.75 -5.16
C TRP B 329 16.16 -17.74 -4.74
N LYS B 330 16.46 -16.84 -5.67
CA LYS B 330 17.49 -15.79 -5.49
C LYS B 330 17.05 -14.49 -6.14
N LEU B 331 17.44 -13.36 -5.54
CA LEU B 331 17.18 -12.08 -6.15
C LEU B 331 18.28 -11.12 -5.72
N LYS B 332 19.05 -10.60 -6.69
CA LYS B 332 20.07 -9.57 -6.38
C LYS B 332 19.44 -8.19 -6.33
N VAL B 333 19.75 -7.47 -5.26
CA VAL B 333 19.32 -6.07 -5.16
C VAL B 333 20.50 -5.19 -4.74
N PRO B 334 20.53 -3.92 -5.20
CA PRO B 334 21.55 -3.01 -4.70
C PRO B 334 21.44 -2.77 -3.18
N LEU B 335 22.57 -2.79 -2.48
CA LEU B 335 22.59 -2.46 -1.05
C LEU B 335 22.05 -1.05 -0.75
N SER B 336 22.19 -0.14 -1.72
CA SER B 336 21.66 1.23 -1.60
C SER B 336 20.13 1.26 -1.54
N GLU B 337 19.50 0.34 -2.28
CA GLU B 337 18.05 0.15 -2.21
C GLU B 337 17.64 -0.50 -0.87
N LEU B 338 18.37 -1.54 -0.45
CA LEU B 338 18.11 -2.13 0.85
C LEU B 338 18.24 -1.07 1.95
N ALA B 339 19.18 -0.14 1.80
CA ALA B 339 19.43 0.88 2.83
C ALA B 339 18.28 1.86 2.92
N ARG B 340 17.46 1.96 1.88
CA ARG B 340 16.29 2.83 1.89
C ARG B 340 15.02 2.09 2.31
N SER B 341 15.18 0.81 2.66
CA SER B 341 14.05 -0.05 2.99
C SER B 341 14.00 -0.42 4.45
N LYS B 342 12.80 -0.77 4.93
CA LYS B 342 12.61 -1.20 6.33
C LYS B 342 12.38 -2.69 6.50
N ASP B 343 12.17 -3.41 5.39
CA ASP B 343 11.93 -4.85 5.52
C ASP B 343 12.00 -5.50 4.13
N ILE B 344 12.08 -6.83 4.13
CA ILE B 344 12.07 -7.66 2.92
C ILE B 344 10.87 -8.59 3.16
N LEU B 345 9.94 -8.62 2.21
CA LEU B 345 8.80 -9.54 2.27
C LEU B 345 8.95 -10.49 1.11
N ILE B 346 8.60 -11.76 1.31
CA ILE B 346 8.57 -12.68 0.15
C ILE B 346 7.22 -13.42 0.12
N ARG B 347 6.72 -13.65 -1.10
CA ARG B 347 5.47 -14.42 -1.27
C ARG B 347 5.58 -15.23 -2.55
N GLY B 348 4.92 -16.38 -2.56
CA GLY B 348 4.82 -17.22 -3.79
C GLY B 348 3.40 -17.26 -4.30
N MET B 349 3.27 -17.49 -5.61
CA MET B 349 1.97 -17.83 -6.24
C MET B 349 2.19 -19.10 -7.05
N ASP B 350 1.25 -20.04 -6.91
CA ASP B 350 1.40 -21.33 -7.60
C ASP B 350 0.77 -21.33 -8.98
N GLU B 351 0.74 -22.51 -9.62
CA GLU B 351 0.18 -22.62 -10.95
C GLU B 351 -1.35 -22.74 -10.95
N ARG B 352 -1.98 -22.63 -9.78
CA ARG B 352 -3.43 -22.44 -9.66
C ARG B 352 -3.74 -20.98 -9.37
N MET B 353 -2.73 -20.13 -9.54
CA MET B 353 -2.86 -18.69 -9.28
C MET B 353 -3.38 -18.39 -7.89
N MET B 354 -2.93 -19.22 -6.94
CA MET B 354 -3.24 -18.98 -5.52
C MET B 354 -1.94 -18.47 -4.87
N VAL B 355 -2.08 -17.39 -4.11
CA VAL B 355 -0.94 -16.65 -3.57
C VAL B 355 -0.98 -16.75 -2.01
N GLN B 356 0.18 -16.60 -1.37
CA GLN B 356 0.21 -16.52 0.07
C GLN B 356 -0.50 -15.22 0.52
N PRO B 357 -1.17 -15.27 1.68
CA PRO B 357 -1.89 -14.09 2.20
C PRO B 357 -0.99 -13.12 2.94
N ARG B 358 -1.39 -11.86 2.90
CA ARG B 358 -0.78 -10.84 3.77
C ARG B 358 -1.13 -11.09 5.24
N THR B 359 -2.36 -11.53 5.47
CA THR B 359 -3.04 -11.59 6.79
C THR B 359 -2.76 -12.92 7.49
N MET B 360 -2.28 -12.88 8.72
CA MET B 360 -2.19 -14.11 9.51
C MET B 360 -3.55 -14.81 9.70
N TYR B 361 -3.56 -16.13 9.57
CA TYR B 361 -4.73 -16.94 9.90
C TYR B 361 -4.46 -17.70 11.20
N TRP B 362 -4.66 -17.00 12.32
CA TRP B 362 -4.40 -17.64 13.62
C TRP B 362 -5.39 -18.79 13.87
N ASN B 363 -4.90 -19.91 14.38
CA ASN B 363 -5.77 -21.06 14.62
C ASN B 363 -5.30 -21.86 15.83
N VAL B 364 -6.21 -22.64 16.40
CA VAL B 364 -5.99 -23.34 17.68
C VAL B 364 -4.68 -24.15 17.77
N THR B 365 -4.40 -24.94 16.74
CA THR B 365 -3.15 -25.72 16.70
C THR B 365 -1.98 -24.94 16.10
N SER B 366 -2.22 -23.69 15.70
CA SER B 366 -1.23 -22.84 15.07
C SER B 366 -0.51 -23.54 13.94
N MET B 367 -1.29 -24.22 13.07
CA MET B 367 -0.72 -24.97 11.95
C MET B 367 -0.87 -24.25 10.61
N LEU B 368 0.01 -24.63 9.67
CA LEU B 368 0.06 -24.13 8.30
C LEU B 368 0.05 -22.61 8.17
N ASN B 369 0.76 -21.99 9.10
CA ASN B 369 0.93 -20.51 9.12
C ASN B 369 1.73 -20.02 7.91
N ASN B 370 1.04 -19.50 6.87
CA ASN B 370 1.74 -19.18 5.59
C ASN B 370 1.57 -17.74 5.13
N TRP B 371 1.24 -16.84 6.07
CA TRP B 371 1.32 -15.41 5.71
C TRP B 371 2.74 -15.00 5.27
N TRP B 372 2.89 -13.85 4.62
CA TRP B 372 4.23 -13.48 4.09
C TRP B 372 5.32 -13.48 5.18
N TYR B 373 6.40 -14.19 4.89
CA TYR B 373 7.63 -14.15 5.75
C TYR B 373 8.33 -12.78 5.60
N ARG B 374 8.61 -12.14 6.73
CA ARG B 374 9.17 -10.77 6.76
C ARG B 374 10.52 -10.80 7.48
N VAL B 375 11.50 -10.14 6.88
CA VAL B 375 12.82 -9.89 7.51
C VAL B 375 12.93 -8.37 7.67
N ALA B 376 13.03 -7.91 8.92
CA ALA B 376 13.24 -6.48 9.21
C ALA B 376 14.67 -6.01 8.88
N ILE B 377 14.81 -4.75 8.47
CA ILE B 377 16.09 -4.14 8.14
C ILE B 377 16.27 -2.97 9.12
N ILE B 378 17.40 -3.00 9.83
CA ILE B 378 17.71 -1.96 10.83
C ILE B 378 18.98 -1.27 10.38
N ARG B 379 18.89 0.04 10.16
CA ARG B 379 20.05 0.79 9.68
C ARG B 379 20.84 1.23 10.90
N GLU B 380 22.13 0.86 10.95
CA GLU B 380 23.02 1.22 12.07
C GLU B 380 24.32 1.82 11.53
N GLY B 381 24.37 3.16 11.51
CA GLY B 381 25.49 3.88 10.89
C GLY B 381 25.61 3.60 9.40
N GLU B 382 26.68 2.94 8.98
CA GLU B 382 26.91 2.68 7.57
C GLU B 382 26.70 1.22 7.23
N SER B 383 26.00 0.53 8.12
CA SER B 383 25.69 -0.90 7.92
C SER B 383 24.21 -1.16 8.12
N LEU B 384 23.77 -2.30 7.60
CA LEU B 384 22.40 -2.79 7.79
C LEU B 384 22.43 -4.08 8.58
N ARG B 385 21.53 -4.22 9.56
CA ARG B 385 21.36 -5.47 10.29
C ARG B 385 19.98 -6.07 10.02
N PHE B 386 19.91 -7.39 9.90
CA PHE B 386 18.65 -8.01 9.47
C PHE B 386 18.07 -8.86 10.58
N GLU B 387 16.74 -8.88 10.70
CA GLU B 387 16.05 -9.65 11.73
C GLU B 387 14.95 -10.52 11.13
N HIS B 388 15.05 -11.83 11.30
CA HIS B 388 13.94 -12.76 11.00
C HIS B 388 12.82 -12.62 12.03
N PRO B 389 11.59 -13.12 11.73
CA PRO B 389 10.49 -12.90 12.69
C PRO B 389 10.78 -13.50 14.08
N VAL B 390 11.24 -14.74 14.07
CA VAL B 390 11.55 -15.51 15.28
C VAL B 390 12.84 -16.33 15.03
N VAL B 391 13.45 -16.72 16.14
CA VAL B 391 14.59 -17.64 16.20
C VAL B 391 14.12 -18.90 16.89
N ALA B 392 14.45 -20.07 16.33
CA ALA B 392 14.21 -21.34 17.01
C ALA B 392 14.83 -21.36 18.42
N ASN B 393 13.97 -21.63 19.40
CA ASN B 393 14.37 -21.82 20.80
C ASN B 393 14.98 -20.63 21.56
N LYS B 394 14.96 -19.43 20.97
CA LYS B 394 15.61 -18.26 21.60
C LYS B 394 14.93 -16.95 21.25
N PRO B 395 15.17 -15.88 22.04
CA PRO B 395 14.74 -14.59 21.54
C PRO B 395 15.61 -14.19 20.33
N GLY B 396 15.36 -13.02 19.76
CA GLY B 396 16.30 -12.47 18.80
C GLY B 396 15.75 -12.16 17.43
N GLY B 397 14.42 -12.24 17.29
CA GLY B 397 13.78 -11.81 16.03
C GLY B 397 13.01 -10.52 16.10
N TRP B 398 12.46 -10.08 14.97
CA TRP B 398 11.71 -8.81 15.01
C TRP B 398 10.43 -8.88 15.84
N MET B 399 9.82 -10.05 15.94
CA MET B 399 8.61 -10.19 16.78
C MET B 399 8.94 -9.95 18.26
N ASP B 400 10.05 -10.51 18.72
CA ASP B 400 10.56 -10.24 20.10
C ASP B 400 10.70 -8.71 20.28
N ARG B 401 11.29 -8.05 19.30
CA ARG B 401 11.55 -6.59 19.40
C ARG B 401 10.22 -5.83 19.38
N VAL B 402 9.33 -6.17 18.44
CA VAL B 402 8.01 -5.51 18.39
C VAL B 402 7.25 -5.63 19.74
N LYS B 403 7.27 -6.82 20.32
CA LYS B 403 6.68 -7.03 21.64
C LYS B 403 7.36 -6.14 22.71
N ALA B 404 8.68 -6.05 22.68
CA ALA B 404 9.41 -5.12 23.61
C ALA B 404 9.07 -3.64 23.36
N GLU B 405 8.60 -3.34 22.15
CA GLU B 405 8.19 -1.98 21.75
C GLU B 405 6.70 -1.70 22.06
N GLY B 406 5.96 -2.75 22.42
CA GLY B 406 4.55 -2.62 22.80
C GLY B 406 3.60 -2.73 21.60
N GLY B 407 4.15 -3.20 20.46
CA GLY B 407 3.43 -3.16 19.18
C GLY B 407 2.50 -4.34 18.95
N ASP B 408 1.59 -4.20 17.97
CA ASP B 408 0.57 -5.23 17.68
C ASP B 408 0.97 -5.89 16.36
N ILE B 409 1.49 -7.11 16.45
CA ILE B 409 2.03 -7.80 15.26
C ILE B 409 0.97 -7.95 14.17
N LEU B 410 -0.31 -7.99 14.56
CA LEU B 410 -1.45 -8.21 13.61
C LEU B 410 -1.90 -6.92 12.92
N ASP B 411 -1.27 -5.79 13.25
CA ASP B 411 -1.73 -4.53 12.67
C ASP B 411 -1.21 -4.38 11.25
N ASN B 412 -1.61 -3.31 10.56
CA ASN B 412 -1.20 -3.22 9.11
C ASN B 412 0.31 -2.98 8.82
N ASN B 413 1.10 -2.73 9.85
CA ASN B 413 2.53 -2.53 9.70
C ASN B 413 3.35 -3.52 10.56
N TRP B 414 2.81 -4.74 10.78
CA TRP B 414 3.50 -5.82 11.51
C TRP B 414 3.87 -5.39 12.95
N GLY B 415 3.19 -4.37 13.45
CA GLY B 415 3.43 -3.88 14.83
C GLY B 415 4.60 -2.90 14.90
N GLU B 416 5.25 -2.64 13.78
CA GLU B 416 6.38 -1.70 13.68
C GLU B 416 5.88 -0.27 13.69
N VAL B 417 6.71 0.65 14.19
CA VAL B 417 6.28 2.04 14.19
C VAL B 417 6.05 2.62 12.76
N ASP B 418 4.91 3.33 12.64
CA ASP B 418 4.17 3.76 11.40
C ASP B 418 4.73 3.52 9.99
S SO4 C . 13.58 30.79 -2.35
O1 SO4 C . 13.99 32.03 -3.00
O2 SO4 C . 14.75 29.93 -2.19
O3 SO4 C . 13.00 31.07 -1.05
O4 SO4 C . 12.62 30.08 -3.20
S SO4 D . 4.13 35.51 4.61
O1 SO4 D . 5.45 36.09 4.77
O2 SO4 D . 4.14 34.22 5.29
O3 SO4 D . 3.09 36.34 5.21
O4 SO4 D . 3.91 35.32 3.16
NA NA E . -14.16 31.88 -23.82
C1 GOL F . 17.42 28.63 -25.13
O1 GOL F . 18.47 29.01 -24.27
C2 GOL F . 16.34 29.71 -25.19
O2 GOL F . 16.86 30.99 -24.90
C3 GOL F . 15.27 29.41 -24.16
O3 GOL F . 14.15 30.17 -24.56
C1 GOL G . 8.38 24.12 -10.81
O1 GOL G . 8.71 22.82 -11.23
C2 GOL G . 7.70 24.06 -9.43
O2 GOL G . 8.61 23.75 -8.35
C3 GOL G . 7.20 25.47 -9.18
O3 GOL G . 5.84 25.44 -8.84
C1 GOL H . 2.42 19.64 0.85
O1 GOL H . 3.63 18.91 0.89
C2 GOL H . 2.37 20.41 2.15
O2 GOL H . 1.12 21.05 2.26
C3 GOL H . 2.65 19.44 3.31
O3 GOL H . 2.50 20.08 4.56
N1 MTV I . -8.10 31.91 8.80
C2 MTV I . -7.49 32.25 9.98
N2 MTV I . -8.25 32.22 11.11
N3 MTV I . -6.20 32.63 10.03
C4 MTV I . -5.38 32.70 8.96
O4 MTV I . -4.21 33.02 9.09
N5 MTV I . -5.19 32.42 6.55
C6 MTV I . -5.80 32.21 5.35
C7 MTV I . -7.14 31.66 5.28
N8 MTV I . -7.91 31.61 6.52
C9 MTV I . -5.91 32.38 7.69
C10 MTV I . -7.35 31.97 7.67
C1' MTV I . -5.13 32.27 3.99
S1' MTV I . -4.32 33.72 3.49
C2' MTV I . -5.25 31.23 3.19
S2' MTV I . -4.53 31.23 1.66
C3' MTV I . -5.92 30.08 3.82
O3' MTV I . -6.81 30.27 4.98
C4' MTV I . -5.47 28.83 3.48
O4' MTV I . -6.12 27.68 4.10
P MTV I . -5.29 26.31 4.24
O1P MTV I . -4.85 26.04 2.83
O2P MTV I . -4.14 26.59 5.14
O3P MTV I . -6.40 25.46 4.77
MOM1 MTV I . -3.73 33.36 1.20
OM1 MTV I . -5.13 34.22 0.06
OM2 MTV I . -2.22 34.72 1.71
S SO4 J . 3.70 -31.04 20.47
O1 SO4 J . 3.49 -30.30 21.73
O2 SO4 J . 4.92 -31.79 20.63
O3 SO4 J . 2.61 -31.98 20.15
O4 SO4 J . 3.81 -30.02 19.40
S SO4 K . 10.58 -20.73 22.66
O1 SO4 K . 10.95 -21.44 23.89
O2 SO4 K . 10.41 -21.72 21.61
O3 SO4 K . 9.34 -19.99 22.87
O4 SO4 K . 11.64 -19.79 22.28
NA NA L . 1.66 -18.72 -10.90
C1 GOL M . 12.31 -2.34 10.87
O1 GOL M . 11.21 -2.49 9.99
C2 GOL M . 12.39 -0.85 11.14
O2 GOL M . 11.23 -0.50 11.85
C3 GOL M . 13.66 -0.62 11.93
O3 GOL M . 13.44 0.31 12.97
C1 GOL N . 15.49 -17.84 12.24
O1 GOL N . 16.81 -17.48 11.95
C2 GOL N . 15.42 -19.34 12.51
O2 GOL N . 16.04 -19.74 13.73
C3 GOL N . 13.93 -19.68 12.57
O3 GOL N . 13.67 -20.64 11.59
C1 GOL O . -12.76 -51.23 9.50
O1 GOL O . -13.35 -50.97 10.75
C2 GOL O . -13.82 -51.09 8.41
O2 GOL O . -13.83 -49.78 7.89
C3 GOL O . -13.43 -52.06 7.29
O3 GOL O . -12.68 -51.36 6.32
C1 GOL P . 17.81 -31.59 13.37
O1 GOL P . 16.84 -32.61 13.54
C2 GOL P . 18.72 -31.59 14.59
O2 GOL P . 18.73 -32.88 15.19
C3 GOL P . 20.12 -31.27 14.09
O3 GOL P . 20.33 -29.88 14.24
N1 MTV Q . 3.91 -41.93 12.56
C2 MTV Q . 3.77 -42.49 13.79
N2 MTV Q . 3.62 -43.83 13.85
N3 MTV Q . 3.77 -41.74 14.92
C4 MTV Q . 3.93 -40.40 14.95
O4 MTV Q . 3.95 -39.76 16.03
N5 MTV Q . 4.22 -38.39 13.65
C6 MTV Q . 4.20 -37.78 12.43
C7 MTV Q . 4.36 -38.54 11.20
N8 MTV Q . 4.23 -40.00 11.30
C9 MTV Q . 4.05 -39.74 13.73
C10 MTV Q . 4.06 -40.56 12.51
C1' MTV Q . 4.31 -36.29 12.18
S1' MTV Q . 3.13 -35.18 12.80
C2' MTV Q . 5.27 -35.88 11.37
S2' MTV Q . 5.45 -34.25 11.01
C3' MTV Q . 6.22 -36.92 10.97
O3' MTV Q . 5.76 -38.32 10.97
C4' MTV Q . 7.52 -36.58 10.81
O4' MTV Q . 8.49 -37.60 10.42
P MTV Q . 10.01 -37.46 10.83
O1P MTV Q . 10.47 -36.13 10.22
O2P MTV Q . 10.08 -37.47 12.31
O3P MTV Q . 10.56 -38.67 10.05
MOM1 MTV Q . 3.61 -33.03 11.86
OM1 MTV Q . 2.30 -32.80 10.34
OM2 MTV Q . 2.94 -32.26 13.69
#